data_6KQV
#
_entry.id   6KQV
#
_entity_poly.entity_id   1
_entity_poly.type   'polypeptide(L)'
_entity_poly.pdbx_seq_one_letter_code
;KQKVLPVFYFAREPHSKPIKFLVSVSKENSTASEVLDSLSQSVHVKPENLRLAEVIKNRFHRVFLPSHSLDTVSPSDTLL
CFELLSSE
;
_entity_poly.pdbx_strand_id   A
#
# COMPACT_ATOMS: atom_id res chain seq x y z
N LYS A 1 -4.22 12.89 -5.73
CA LYS A 1 -3.57 11.68 -6.26
C LYS A 1 -2.15 11.52 -5.70
N GLN A 2 -1.63 12.53 -5.04
CA GLN A 2 -0.27 12.46 -4.53
C GLN A 2 -0.23 12.44 -3.00
N LYS A 3 0.27 11.33 -2.47
CA LYS A 3 0.69 11.25 -1.08
C LYS A 3 1.77 10.18 -0.97
N VAL A 4 2.98 10.58 -0.61
CA VAL A 4 4.13 9.68 -0.67
C VAL A 4 4.20 8.77 0.54
N LEU A 5 3.82 7.52 0.32
CA LEU A 5 3.91 6.49 1.34
C LEU A 5 4.89 5.39 0.94
N PRO A 6 6.03 5.25 1.60
CA PRO A 6 6.78 4.02 1.48
C PRO A 6 6.17 2.98 2.40
N VAL A 7 5.83 1.84 1.84
CA VAL A 7 5.22 0.76 2.63
C VAL A 7 6.17 -0.41 2.79
N PHE A 8 6.02 -1.18 3.87
CA PHE A 8 6.88 -2.33 4.10
C PHE A 8 6.06 -3.61 4.05
N TYR A 9 6.14 -4.30 2.95
CA TYR A 9 5.30 -5.47 2.71
C TYR A 9 6.14 -6.66 2.35
N PHE A 10 5.70 -7.83 2.75
CA PHE A 10 6.46 -9.03 2.49
C PHE A 10 6.07 -9.52 1.11
N ALA A 11 7.04 -9.39 0.20
CA ALA A 11 6.79 -9.57 -1.22
C ALA A 11 6.90 -11.02 -1.61
N ARG A 12 6.06 -11.44 -2.52
CA ARG A 12 6.22 -12.75 -3.10
C ARG A 12 6.99 -12.60 -4.40
N GLU A 13 8.27 -12.50 -4.20
CA GLU A 13 9.28 -12.39 -5.21
C GLU A 13 9.99 -13.72 -5.32
N PRO A 14 10.96 -13.86 -6.23
CA PRO A 14 11.95 -14.97 -6.25
C PRO A 14 12.48 -15.40 -4.86
N HIS A 15 11.97 -14.78 -3.80
CA HIS A 15 12.42 -14.92 -2.43
C HIS A 15 13.70 -14.15 -2.18
N SER A 16 13.61 -12.89 -2.54
CA SER A 16 14.49 -11.89 -2.02
C SER A 16 13.95 -11.41 -0.68
N LYS A 17 14.60 -10.45 -0.06
CA LYS A 17 14.13 -9.93 1.21
C LYS A 17 12.80 -9.20 1.04
N PRO A 18 12.04 -9.04 2.13
CA PRO A 18 10.75 -8.37 2.09
C PRO A 18 10.87 -6.97 1.48
N ILE A 19 9.91 -6.61 0.65
CA ILE A 19 10.04 -5.43 -0.17
C ILE A 19 9.25 -4.25 0.36
N LYS A 20 9.97 -3.22 0.70
CA LYS A 20 9.38 -1.95 0.96
C LYS A 20 9.43 -1.10 -0.30
N PHE A 21 8.29 -0.63 -0.75
CA PHE A 21 8.26 0.22 -1.92
C PHE A 21 7.65 1.56 -1.57
N LEU A 22 8.23 2.61 -2.11
CA LEU A 22 7.66 3.92 -1.94
C LEU A 22 6.75 4.20 -3.12
N VAL A 23 5.45 4.13 -2.90
CA VAL A 23 4.51 4.52 -3.91
C VAL A 23 3.91 5.86 -3.52
N SER A 24 3.95 6.83 -4.41
CA SER A 24 3.19 8.02 -4.17
C SER A 24 1.89 7.92 -4.95
N VAL A 25 0.82 7.61 -4.24
CA VAL A 25 -0.48 7.46 -4.84
C VAL A 25 -1.53 7.82 -3.80
N SER A 26 -2.65 8.30 -4.25
CA SER A 26 -3.79 8.53 -3.37
C SER A 26 -5.00 7.89 -4.00
N LYS A 27 -6.08 7.79 -3.23
CA LYS A 27 -7.36 7.45 -3.82
C LYS A 27 -7.73 8.54 -4.80
N GLU A 28 -7.68 8.21 -6.07
CA GLU A 28 -8.20 9.09 -7.09
C GLU A 28 -9.70 9.13 -6.94
N ASN A 29 -10.39 9.84 -7.80
CA ASN A 29 -11.83 9.95 -7.69
C ASN A 29 -12.53 8.57 -7.79
N SER A 30 -11.76 7.49 -7.92
CA SER A 30 -12.38 6.19 -8.09
C SER A 30 -12.21 5.27 -6.86
N THR A 31 -10.98 4.92 -6.54
CA THR A 31 -10.75 3.95 -5.49
C THR A 31 -9.50 4.24 -4.65
N ALA A 32 -9.47 3.64 -3.45
CA ALA A 32 -8.30 3.63 -2.60
C ALA A 32 -7.30 2.59 -3.09
N SER A 33 -7.82 1.61 -3.82
CA SER A 33 -7.05 0.44 -4.23
C SER A 33 -5.89 0.82 -5.14
N GLU A 34 -6.03 1.91 -5.88
CA GLU A 34 -5.01 2.31 -6.83
C GLU A 34 -3.63 2.42 -6.15
N VAL A 35 -3.63 2.79 -4.87
CA VAL A 35 -2.39 2.83 -4.11
C VAL A 35 -1.89 1.40 -3.86
N LEU A 36 -2.80 0.49 -3.55
CA LEU A 36 -2.48 -0.90 -3.29
C LEU A 36 -1.96 -1.53 -4.57
N ASP A 37 -2.62 -1.19 -5.65
CA ASP A 37 -2.32 -1.74 -6.94
C ASP A 37 -0.86 -1.44 -7.28
N SER A 38 -0.43 -0.26 -6.83
CA SER A 38 0.93 0.18 -7.01
C SER A 38 1.94 -0.78 -6.36
N LEU A 39 1.69 -1.19 -5.11
CA LEU A 39 2.64 -2.05 -4.40
C LEU A 39 2.78 -3.39 -5.07
N SER A 40 1.64 -4.01 -5.35
CA SER A 40 1.64 -5.34 -5.91
C SER A 40 2.31 -5.37 -7.29
N GLN A 41 2.00 -4.37 -8.12
CA GLN A 41 2.57 -4.31 -9.46
C GLN A 41 4.07 -4.04 -9.38
N SER A 42 4.48 -3.29 -8.35
CA SER A 42 5.89 -3.04 -8.10
C SER A 42 6.65 -4.33 -7.80
N VAL A 43 5.92 -5.33 -7.34
CA VAL A 43 6.50 -6.60 -6.98
C VAL A 43 6.34 -7.63 -8.10
N HIS A 44 5.65 -7.21 -9.16
CA HIS A 44 5.41 -8.06 -10.32
C HIS A 44 4.52 -9.23 -9.91
N VAL A 45 3.65 -8.92 -8.96
CA VAL A 45 2.62 -9.84 -8.52
C VAL A 45 1.27 -9.19 -8.79
N LYS A 46 0.25 -10.03 -8.95
CA LYS A 46 -1.10 -9.54 -9.10
C LYS A 46 -1.52 -8.76 -7.85
N PRO A 47 -2.30 -7.68 -8.07
CA PRO A 47 -2.70 -6.69 -7.03
C PRO A 47 -3.09 -7.30 -5.69
N GLU A 48 -3.55 -8.52 -5.72
CA GLU A 48 -4.16 -9.19 -4.57
C GLU A 48 -3.22 -9.35 -3.38
N ASN A 49 -1.92 -9.15 -3.57
CA ASN A 49 -0.98 -9.67 -2.60
C ASN A 49 -0.76 -8.77 -1.38
N LEU A 50 -0.95 -7.46 -1.50
CA LEU A 50 -0.76 -6.59 -0.35
C LEU A 50 -1.99 -5.77 -0.03
N ARG A 51 -2.45 -5.83 1.20
CA ARG A 51 -3.31 -4.78 1.73
C ARG A 51 -3.26 -4.73 3.27
N LEU A 52 -2.69 -3.69 3.85
CA LEU A 52 -2.96 -3.41 5.27
C LEU A 52 -2.74 -1.95 5.56
N ALA A 53 -3.71 -1.12 5.85
CA ALA A 53 -3.34 0.28 5.98
C ALA A 53 -3.48 0.79 7.41
N GLU A 54 -2.36 1.18 7.99
CA GLU A 54 -2.32 1.69 9.34
C GLU A 54 -1.71 3.06 9.42
N VAL A 55 -2.46 3.98 9.99
CA VAL A 55 -2.10 5.38 10.00
C VAL A 55 -1.06 5.66 11.07
N ILE A 56 -0.09 6.52 10.75
CA ILE A 56 0.87 6.93 11.77
C ILE A 56 0.66 8.39 12.13
N LYS A 57 0.29 8.62 13.38
CA LYS A 57 0.02 9.94 13.96
C LYS A 57 -0.89 9.75 15.16
N ASN A 58 -1.66 10.76 15.53
CA ASN A 58 -2.71 10.60 16.55
C ASN A 58 -3.68 9.50 16.10
N ARG A 59 -3.90 9.45 14.79
CA ARG A 59 -4.55 8.30 14.17
C ARG A 59 -3.57 7.12 14.15
N PHE A 60 -3.64 6.28 15.19
CA PHE A 60 -2.70 5.18 15.37
C PHE A 60 -3.19 3.90 14.70
N HIS A 61 -2.39 3.38 13.78
CA HIS A 61 -2.60 2.06 13.17
C HIS A 61 -3.88 2.01 12.35
N ARG A 62 -4.15 0.84 11.76
CA ARG A 62 -5.40 0.49 11.06
C ARG A 62 -5.15 -0.62 10.04
N VAL A 63 -6.10 -0.74 9.12
CA VAL A 63 -6.21 -1.83 8.17
C VAL A 63 -6.46 -1.23 6.79
N PHE A 64 -6.23 -1.95 5.71
CA PHE A 64 -6.40 -1.34 4.41
C PHE A 64 -7.87 -1.07 4.17
N LEU A 65 -8.20 0.21 4.18
CA LEU A 65 -9.57 0.65 4.15
C LEU A 65 -10.06 0.87 2.71
N PRO A 66 -11.38 0.76 2.51
CA PRO A 66 -12.06 1.14 1.27
C PRO A 66 -11.74 2.59 0.87
N SER A 67 -12.10 2.96 -0.36
CA SER A 67 -11.82 4.29 -0.92
C SER A 67 -11.96 5.38 0.13
N HIS A 68 -10.82 5.91 0.56
CA HIS A 68 -10.74 6.75 1.74
C HIS A 68 -10.29 8.16 1.40
N SER A 69 -10.86 9.12 2.13
CA SER A 69 -10.57 10.54 1.93
C SER A 69 -9.23 10.93 2.52
N LEU A 70 -8.60 9.99 3.22
CA LEU A 70 -7.29 10.18 3.83
C LEU A 70 -6.18 10.30 2.76
N ASP A 71 -6.57 10.47 1.50
CA ASP A 71 -5.64 10.57 0.38
C ASP A 71 -4.95 11.94 0.29
N THR A 72 -4.83 12.62 1.42
CA THR A 72 -4.16 13.91 1.49
C THR A 72 -2.64 13.72 1.56
N VAL A 73 -1.90 14.79 1.30
CA VAL A 73 -0.45 14.71 1.19
C VAL A 73 0.21 14.59 2.56
N SER A 74 0.54 13.37 2.93
CA SER A 74 1.19 13.08 4.20
C SER A 74 2.08 11.85 4.07
N PRO A 75 3.40 12.04 4.23
CA PRO A 75 4.41 10.99 3.99
C PRO A 75 4.37 9.85 5.02
N SER A 76 4.07 10.17 6.27
CA SER A 76 4.10 9.19 7.34
C SER A 76 2.74 8.56 7.57
N ASP A 77 1.81 8.87 6.69
CA ASP A 77 0.45 8.37 6.75
C ASP A 77 0.38 6.86 6.61
N THR A 78 -0.84 6.36 6.81
CA THR A 78 -1.16 4.94 6.81
C THR A 78 -0.27 4.06 5.92
N LEU A 79 0.46 3.18 6.60
CA LEU A 79 1.33 2.19 6.00
C LEU A 79 0.63 0.89 5.77
N LEU A 80 1.06 0.15 4.75
CA LEU A 80 0.64 -1.20 4.63
C LEU A 80 1.78 -2.12 4.82
N CYS A 81 1.45 -3.18 5.49
CA CYS A 81 2.34 -4.31 5.55
C CYS A 81 1.54 -5.58 5.34
N PHE A 82 1.57 -6.14 4.14
CA PHE A 82 0.85 -7.37 3.91
C PHE A 82 1.68 -8.38 3.13
N GLU A 83 1.36 -9.63 3.38
CA GLU A 83 1.82 -10.75 2.58
C GLU A 83 0.63 -11.59 2.07
N LEU A 84 0.46 -11.73 0.78
CA LEU A 84 -0.45 -12.76 0.25
C LEU A 84 0.37 -13.80 -0.48
N LEU A 85 -0.23 -14.92 -0.87
CA LEU A 85 0.49 -15.85 -1.70
C LEU A 85 0.02 -15.67 -3.12
N SER A 86 0.93 -15.21 -3.96
CA SER A 86 0.67 -14.99 -5.37
C SER A 86 2.01 -14.70 -6.04
N SER A 87 2.11 -14.91 -7.34
CA SER A 87 3.31 -14.50 -8.06
C SER A 87 3.07 -14.52 -9.55
N GLU A 88 3.71 -13.60 -10.27
CA GLU A 88 3.69 -13.65 -11.71
C GLU A 88 5.12 -13.85 -12.20
N LYS A 1 -4.72 12.85 -5.26
CA LYS A 1 -4.11 11.73 -6.01
C LYS A 1 -2.63 11.57 -5.65
N GLN A 2 -1.99 12.66 -5.24
CA GLN A 2 -0.58 12.61 -4.92
C GLN A 2 -0.32 12.63 -3.40
N LYS A 3 0.23 11.53 -2.91
CA LYS A 3 0.71 11.41 -1.54
C LYS A 3 1.77 10.32 -1.49
N VAL A 4 2.87 10.56 -0.79
CA VAL A 4 4.01 9.64 -0.84
C VAL A 4 4.17 8.83 0.45
N LEU A 5 3.81 7.56 0.36
CA LEU A 5 3.94 6.64 1.48
C LEU A 5 4.90 5.50 1.15
N PRO A 6 5.95 5.28 1.96
CA PRO A 6 6.66 4.02 1.89
C PRO A 6 5.92 2.94 2.67
N VAL A 7 5.72 1.79 2.04
CA VAL A 7 5.04 0.67 2.71
C VAL A 7 6.01 -0.48 2.97
N PHE A 8 5.90 -1.14 4.12
CA PHE A 8 6.81 -2.26 4.45
C PHE A 8 6.10 -3.60 4.36
N TYR A 9 6.32 -4.29 3.28
CA TYR A 9 5.60 -5.50 3.01
C TYR A 9 6.51 -6.66 2.70
N PHE A 10 6.12 -7.84 3.10
CA PHE A 10 6.95 -8.99 2.82
C PHE A 10 6.54 -9.53 1.47
N ALA A 11 7.44 -9.36 0.52
CA ALA A 11 7.11 -9.51 -0.88
C ALA A 11 7.08 -10.94 -1.31
N ARG A 12 6.09 -11.29 -2.10
CA ARG A 12 6.07 -12.60 -2.69
C ARG A 12 6.74 -12.53 -4.04
N GLU A 13 8.04 -12.61 -3.92
CA GLU A 13 8.97 -12.68 -5.00
C GLU A 13 9.48 -14.11 -5.09
N PRO A 14 10.30 -14.43 -6.10
CA PRO A 14 11.10 -15.67 -6.18
C PRO A 14 11.79 -16.09 -4.85
N HIS A 15 11.52 -15.34 -3.78
CA HIS A 15 12.23 -15.38 -2.51
C HIS A 15 13.54 -14.64 -2.64
N SER A 16 13.40 -13.44 -3.15
CA SER A 16 14.40 -12.42 -3.02
C SER A 16 14.07 -11.61 -1.77
N LYS A 17 14.82 -10.56 -1.53
CA LYS A 17 14.65 -9.76 -0.32
C LYS A 17 13.24 -9.17 -0.22
N PRO A 18 12.65 -9.24 1.00
CA PRO A 18 11.35 -8.60 1.30
C PRO A 18 11.38 -7.13 0.97
N ILE A 19 10.22 -6.56 0.63
CA ILE A 19 10.23 -5.26 -0.01
C ILE A 19 9.36 -4.23 0.68
N LYS A 20 10.00 -3.20 1.16
CA LYS A 20 9.33 -1.98 1.51
C LYS A 20 9.44 -1.05 0.31
N PHE A 21 8.34 -0.72 -0.32
CA PHE A 21 8.38 0.15 -1.48
C PHE A 21 7.76 1.48 -1.15
N LEU A 22 8.40 2.54 -1.59
CA LEU A 22 7.81 3.84 -1.45
C LEU A 22 7.03 4.15 -2.72
N VAL A 23 5.72 4.06 -2.61
CA VAL A 23 4.85 4.43 -3.71
C VAL A 23 4.24 5.79 -3.43
N SER A 24 4.23 6.67 -4.40
CA SER A 24 3.47 7.87 -4.24
C SER A 24 2.19 7.74 -5.06
N VAL A 25 1.10 7.48 -4.34
CA VAL A 25 -0.21 7.35 -4.92
C VAL A 25 -1.26 7.69 -3.89
N SER A 26 -2.39 8.17 -4.35
CA SER A 26 -3.58 8.16 -3.56
C SER A 26 -4.70 7.68 -4.44
N LYS A 27 -5.61 6.98 -3.82
CA LYS A 27 -6.81 6.56 -4.49
C LYS A 27 -7.49 7.77 -5.10
N GLU A 28 -7.61 7.76 -6.41
CA GLU A 28 -8.46 8.73 -7.05
C GLU A 28 -9.88 8.30 -6.75
N ASN A 29 -10.85 9.06 -7.20
CA ASN A 29 -12.24 8.80 -6.84
C ASN A 29 -12.74 7.43 -7.35
N SER A 30 -11.86 6.62 -7.97
CA SER A 30 -12.30 5.38 -8.56
C SER A 30 -12.24 4.21 -7.58
N THR A 31 -11.04 3.90 -7.10
CA THR A 31 -10.86 2.93 -6.05
C THR A 31 -9.78 3.37 -5.07
N ALA A 32 -9.79 2.81 -3.87
CA ALA A 32 -8.69 2.96 -2.92
C ALA A 32 -7.52 2.08 -3.34
N SER A 33 -7.84 1.09 -4.15
CA SER A 33 -6.92 0.04 -4.55
C SER A 33 -5.71 0.58 -5.31
N GLU A 34 -5.87 1.71 -5.99
CA GLU A 34 -4.82 2.23 -6.86
C GLU A 34 -3.49 2.35 -6.12
N VAL A 35 -3.55 2.64 -4.83
CA VAL A 35 -2.35 2.73 -4.03
C VAL A 35 -1.73 1.34 -3.80
N LEU A 36 -2.56 0.36 -3.45
CA LEU A 36 -2.11 -1.00 -3.25
C LEU A 36 -1.69 -1.61 -4.58
N ASP A 37 -2.38 -1.20 -5.66
CA ASP A 37 -2.02 -1.62 -7.02
C ASP A 37 -0.59 -1.25 -7.32
N SER A 38 -0.16 -0.13 -6.76
CA SER A 38 1.22 0.30 -6.88
C SER A 38 2.16 -0.68 -6.17
N LEU A 39 1.72 -1.16 -5.01
CA LEU A 39 2.55 -2.04 -4.19
C LEU A 39 2.71 -3.39 -4.86
N SER A 40 1.57 -3.99 -5.21
CA SER A 40 1.56 -5.29 -5.88
C SER A 40 2.36 -5.28 -7.19
N GLN A 41 2.19 -4.26 -8.02
CA GLN A 41 2.88 -4.21 -9.30
C GLN A 41 4.39 -4.06 -9.08
N SER A 42 4.76 -3.41 -7.99
CA SER A 42 6.15 -3.36 -7.55
C SER A 42 6.69 -4.76 -7.28
N VAL A 43 5.77 -5.65 -6.92
CA VAL A 43 6.09 -7.03 -6.64
C VAL A 43 5.97 -7.90 -7.89
N HIS A 44 5.48 -7.28 -8.96
CA HIS A 44 5.22 -7.97 -10.23
C HIS A 44 4.13 -9.01 -10.04
N VAL A 45 3.12 -8.60 -9.30
CA VAL A 45 1.97 -9.44 -9.02
C VAL A 45 0.68 -8.62 -9.07
N LYS A 46 -0.43 -9.28 -9.32
CA LYS A 46 -1.75 -8.65 -9.24
C LYS A 46 -1.98 -8.13 -7.82
N PRO A 47 -2.83 -7.09 -7.70
CA PRO A 47 -3.10 -6.33 -6.46
C PRO A 47 -3.26 -7.19 -5.19
N GLU A 48 -3.68 -8.42 -5.36
CA GLU A 48 -4.10 -9.28 -4.26
C GLU A 48 -3.01 -9.54 -3.24
N ASN A 49 -1.79 -9.19 -3.56
CA ASN A 49 -0.67 -9.57 -2.73
C ASN A 49 -0.49 -8.63 -1.54
N LEU A 50 -1.12 -7.46 -1.59
CA LEU A 50 -0.99 -6.51 -0.49
C LEU A 50 -2.27 -5.76 -0.17
N ARG A 51 -2.70 -5.81 1.10
CA ARG A 51 -3.60 -4.80 1.64
C ARG A 51 -3.44 -4.69 3.17
N LEU A 52 -2.90 -3.58 3.65
CA LEU A 52 -3.02 -3.21 5.06
C LEU A 52 -2.86 -1.73 5.18
N ALA A 53 -3.80 -0.95 5.71
CA ALA A 53 -3.51 0.45 5.86
C ALA A 53 -3.57 0.89 7.31
N GLU A 54 -2.46 1.35 7.86
CA GLU A 54 -2.50 1.93 9.18
C GLU A 54 -2.10 3.39 9.16
N VAL A 55 -3.01 4.24 9.60
CA VAL A 55 -2.79 5.67 9.61
C VAL A 55 -2.38 6.10 11.01
N ILE A 56 -1.23 6.72 11.15
CA ILE A 56 -0.78 7.10 12.48
C ILE A 56 -0.76 8.61 12.65
N LYS A 57 -1.57 9.06 13.62
CA LYS A 57 -1.79 10.47 13.95
C LYS A 57 -3.14 10.56 14.63
N ASN A 58 -3.79 11.71 14.54
CA ASN A 58 -5.20 11.85 14.97
C ASN A 58 -6.08 10.84 14.21
N ARG A 59 -5.51 10.29 13.14
CA ARG A 59 -6.15 9.29 12.30
C ARG A 59 -6.40 8.00 13.09
N PHE A 60 -5.32 7.25 13.31
CA PHE A 60 -5.31 6.01 14.10
C PHE A 60 -6.22 4.93 13.50
N HIS A 61 -5.67 4.23 12.52
CA HIS A 61 -6.27 3.03 11.94
C HIS A 61 -5.14 2.08 11.58
N ARG A 62 -5.45 0.85 11.17
CA ARG A 62 -4.38 -0.14 10.98
C ARG A 62 -4.59 -1.06 9.76
N VAL A 63 -5.79 -1.02 9.17
CA VAL A 63 -6.18 -1.97 8.15
C VAL A 63 -6.47 -1.24 6.85
N PHE A 64 -6.33 -1.92 5.72
CA PHE A 64 -6.56 -1.29 4.43
C PHE A 64 -8.04 -0.98 4.25
N LEU A 65 -8.33 0.29 4.24
CA LEU A 65 -9.69 0.77 4.23
C LEU A 65 -10.21 0.95 2.80
N PRO A 66 -11.53 0.91 2.62
CA PRO A 66 -12.20 1.31 1.37
C PRO A 66 -11.91 2.78 1.03
N SER A 67 -12.21 3.18 -0.20
CA SER A 67 -11.95 4.54 -0.68
C SER A 67 -12.21 5.61 0.38
N HIS A 68 -11.18 6.40 0.67
CA HIS A 68 -11.22 7.39 1.75
C HIS A 68 -10.67 8.75 1.28
N SER A 69 -10.85 9.74 2.13
CA SER A 69 -10.52 11.14 1.84
C SER A 69 -9.02 11.45 2.03
N LEU A 70 -8.27 10.47 2.49
CA LEU A 70 -6.89 10.67 2.93
C LEU A 70 -5.92 11.01 1.79
N ASP A 71 -6.44 11.38 0.62
CA ASP A 71 -5.58 11.66 -0.54
C ASP A 71 -4.68 12.86 -0.27
N THR A 72 -5.19 13.82 0.50
CA THR A 72 -4.32 14.84 1.04
C THR A 72 -4.30 14.69 2.55
N VAL A 73 -3.14 14.42 3.08
CA VAL A 73 -3.03 13.96 4.45
C VAL A 73 -1.66 14.33 5.04
N SER A 74 -1.48 14.06 6.33
CA SER A 74 -0.16 14.08 6.95
C SER A 74 0.70 12.99 6.31
N PRO A 75 1.96 13.31 5.94
CA PRO A 75 2.82 12.42 5.14
C PRO A 75 3.18 11.10 5.83
N SER A 76 2.91 10.99 7.11
CA SER A 76 3.22 9.77 7.86
C SER A 76 2.01 8.84 7.94
N ASP A 77 0.97 9.21 7.23
CA ASP A 77 -0.27 8.43 7.15
C ASP A 77 -0.04 7.03 6.55
N THR A 78 -1.12 6.27 6.46
CA THR A 78 -1.14 4.82 6.36
C THR A 78 0.07 4.14 5.72
N LEU A 79 0.64 3.25 6.51
CA LEU A 79 1.59 2.25 6.06
C LEU A 79 0.84 0.97 5.72
N LEU A 80 1.34 0.22 4.76
CA LEU A 80 0.79 -1.04 4.44
C LEU A 80 1.75 -2.13 4.82
N CYS A 81 1.21 -3.16 5.42
CA CYS A 81 2.00 -4.34 5.66
C CYS A 81 1.18 -5.57 5.31
N PHE A 82 1.42 -6.17 4.17
CA PHE A 82 0.77 -7.43 3.89
C PHE A 82 1.72 -8.46 3.32
N GLU A 83 1.37 -9.70 3.55
CA GLU A 83 1.92 -10.80 2.80
C GLU A 83 0.78 -11.59 2.15
N LEU A 84 0.73 -11.61 0.84
CA LEU A 84 -0.14 -12.56 0.15
C LEU A 84 0.68 -13.26 -0.91
N LEU A 85 0.42 -14.55 -1.17
CA LEU A 85 1.24 -15.27 -2.10
C LEU A 85 0.58 -15.35 -3.46
N SER A 86 1.25 -14.75 -4.43
CA SER A 86 0.90 -14.87 -5.81
C SER A 86 2.05 -14.27 -6.61
N SER A 87 2.01 -14.40 -7.93
CA SER A 87 3.06 -13.82 -8.77
C SER A 87 2.59 -13.74 -10.21
N GLU A 88 3.23 -12.89 -11.00
CA GLU A 88 2.98 -12.85 -12.42
C GLU A 88 4.18 -13.41 -13.16
N LYS A 1 -4.35 13.46 -5.66
CA LYS A 1 -3.76 12.24 -6.24
C LYS A 1 -2.36 11.98 -5.64
N GLN A 2 -1.82 12.94 -4.89
CA GLN A 2 -0.48 12.78 -4.36
C GLN A 2 -0.48 12.64 -2.84
N LYS A 3 -0.01 11.49 -2.40
CA LYS A 3 0.33 11.24 -1.00
C LYS A 3 1.43 10.18 -0.98
N VAL A 4 2.45 10.36 -0.15
CA VAL A 4 3.62 9.49 -0.22
C VAL A 4 3.70 8.53 0.95
N LEU A 5 3.39 7.28 0.67
CA LEU A 5 3.44 6.22 1.65
C LEU A 5 4.47 5.15 1.26
N PRO A 6 5.60 5.03 1.96
CA PRO A 6 6.44 3.86 1.79
C PRO A 6 5.89 2.70 2.61
N VAL A 7 5.71 1.54 1.98
CA VAL A 7 5.26 0.34 2.70
C VAL A 7 6.36 -0.71 2.76
N PHE A 8 6.38 -1.56 3.80
CA PHE A 8 7.36 -2.65 3.83
C PHE A 8 6.77 -3.98 4.28
N TYR A 9 6.44 -4.84 3.34
CA TYR A 9 6.11 -6.21 3.67
C TYR A 9 6.76 -7.21 2.73
N PHE A 10 7.02 -8.39 3.23
CA PHE A 10 7.83 -9.34 2.52
C PHE A 10 6.97 -10.09 1.52
N ALA A 11 7.30 -9.84 0.27
CA ALA A 11 6.52 -10.28 -0.85
C ALA A 11 6.81 -11.71 -1.22
N ARG A 12 5.96 -12.26 -2.05
CA ARG A 12 6.22 -13.55 -2.59
C ARG A 12 6.83 -13.40 -3.95
N GLU A 13 8.12 -13.20 -3.88
CA GLU A 13 9.02 -13.08 -4.98
C GLU A 13 9.78 -14.39 -5.12
N PRO A 14 10.65 -14.51 -6.14
CA PRO A 14 11.70 -15.55 -6.22
C PRO A 14 12.44 -15.83 -4.89
N HIS A 15 12.00 -15.16 -3.82
CA HIS A 15 12.61 -15.16 -2.50
C HIS A 15 13.81 -14.27 -2.48
N SER A 16 13.55 -13.06 -2.93
CA SER A 16 14.47 -11.96 -2.74
C SER A 16 14.16 -11.33 -1.39
N LYS A 17 14.84 -10.26 -1.05
CA LYS A 17 14.62 -9.64 0.25
C LYS A 17 13.21 -9.06 0.36
N PRO A 18 12.72 -8.83 1.60
CA PRO A 18 11.38 -8.29 1.84
C PRO A 18 11.14 -7.00 1.06
N ILE A 19 9.90 -6.76 0.68
CA ILE A 19 9.62 -5.69 -0.24
C ILE A 19 9.12 -4.45 0.45
N LYS A 20 9.91 -3.41 0.33
CA LYS A 20 9.51 -2.09 0.70
C LYS A 20 9.52 -1.21 -0.53
N PHE A 21 8.44 -0.50 -0.77
CA PHE A 21 8.41 0.42 -1.86
C PHE A 21 7.71 1.69 -1.43
N LEU A 22 8.25 2.80 -1.87
CA LEU A 22 7.61 4.06 -1.65
C LEU A 22 6.68 4.34 -2.82
N VAL A 23 5.39 4.21 -2.58
CA VAL A 23 4.41 4.50 -3.59
C VAL A 23 3.75 5.82 -3.30
N SER A 24 3.72 6.72 -4.26
CA SER A 24 2.91 7.89 -4.09
C SER A 24 1.66 7.74 -4.93
N VAL A 25 0.57 7.44 -4.25
CA VAL A 25 -0.73 7.29 -4.89
C VAL A 25 -1.81 7.64 -3.91
N SER A 26 -2.91 8.11 -4.43
CA SER A 26 -4.11 8.22 -3.63
C SER A 26 -5.23 7.64 -4.42
N LYS A 27 -6.26 7.18 -3.75
CA LYS A 27 -7.38 6.64 -4.46
C LYS A 27 -8.20 7.77 -5.04
N GLU A 28 -7.87 8.07 -6.27
CA GLU A 28 -8.61 9.03 -7.04
C GLU A 28 -10.04 8.49 -7.21
N ASN A 29 -10.88 9.24 -7.85
CA ASN A 29 -12.29 8.90 -7.93
C ASN A 29 -12.54 7.56 -8.65
N SER A 30 -11.50 6.84 -9.07
CA SER A 30 -11.72 5.63 -9.83
C SER A 30 -11.84 4.41 -8.90
N THR A 31 -10.77 4.10 -8.19
CA THR A 31 -10.78 3.04 -7.20
C THR A 31 -9.94 3.43 -5.98
N ALA A 32 -10.18 2.76 -4.85
CA ALA A 32 -9.32 2.86 -3.67
C ALA A 32 -8.05 2.03 -3.86
N SER A 33 -8.15 1.09 -4.78
CA SER A 33 -7.16 0.03 -4.95
C SER A 33 -5.85 0.56 -5.50
N GLU A 34 -5.89 1.66 -6.25
CA GLU A 34 -4.73 2.14 -6.99
C GLU A 34 -3.50 2.27 -6.11
N VAL A 35 -3.72 2.61 -4.84
CA VAL A 35 -2.62 2.76 -3.92
C VAL A 35 -2.00 1.40 -3.58
N LEU A 36 -2.85 0.43 -3.27
CA LEU A 36 -2.41 -0.92 -2.96
C LEU A 36 -1.89 -1.59 -4.23
N ASP A 37 -2.52 -1.22 -5.33
CA ASP A 37 -2.16 -1.73 -6.65
C ASP A 37 -0.73 -1.36 -6.99
N SER A 38 -0.34 -0.14 -6.60
CA SER A 38 1.02 0.32 -6.76
C SER A 38 1.99 -0.60 -6.04
N LEU A 39 1.55 -1.03 -4.87
CA LEU A 39 2.33 -1.88 -4.02
C LEU A 39 2.64 -3.23 -4.65
N SER A 40 1.58 -3.93 -5.04
CA SER A 40 1.72 -5.27 -5.57
C SER A 40 2.36 -5.29 -6.96
N GLN A 41 2.12 -4.26 -7.77
CA GLN A 41 2.75 -4.19 -9.09
C GLN A 41 4.26 -4.00 -8.95
N SER A 42 4.66 -3.32 -7.88
CA SER A 42 6.06 -3.21 -7.51
C SER A 42 6.64 -4.58 -7.18
N VAL A 43 5.76 -5.46 -6.73
CA VAL A 43 6.10 -6.83 -6.40
C VAL A 43 5.99 -7.71 -7.65
N HIS A 44 5.52 -7.10 -8.75
CA HIS A 44 5.34 -7.79 -10.02
C HIS A 44 4.27 -8.87 -9.89
N VAL A 45 3.31 -8.60 -9.03
CA VAL A 45 2.19 -9.50 -8.80
C VAL A 45 0.89 -8.70 -8.82
N LYS A 46 -0.23 -9.36 -9.10
CA LYS A 46 -1.52 -8.69 -9.03
C LYS A 46 -1.74 -8.15 -7.62
N PRO A 47 -2.54 -7.06 -7.54
CA PRO A 47 -2.83 -6.30 -6.30
C PRO A 47 -3.04 -7.17 -5.06
N GLU A 48 -3.47 -8.39 -5.27
CA GLU A 48 -3.96 -9.26 -4.22
C GLU A 48 -2.93 -9.54 -3.12
N ASN A 49 -1.65 -9.34 -3.40
CA ASN A 49 -0.62 -9.89 -2.52
C ASN A 49 -0.33 -9.00 -1.32
N LEU A 50 -0.64 -7.72 -1.45
CA LEU A 50 -0.45 -6.79 -0.37
C LEU A 50 -1.71 -5.96 -0.15
N ARG A 51 -2.24 -5.94 1.07
CA ARG A 51 -3.18 -4.91 1.46
C ARG A 51 -3.12 -4.68 2.97
N LEU A 52 -2.67 -3.52 3.39
CA LEU A 52 -2.86 -3.06 4.76
C LEU A 52 -2.71 -1.56 4.82
N ALA A 53 -3.48 -0.79 5.60
CA ALA A 53 -3.03 0.57 5.82
C ALA A 53 -3.12 0.98 7.29
N GLU A 54 -2.00 1.31 7.89
CA GLU A 54 -2.00 1.72 9.27
C GLU A 54 -1.69 3.20 9.41
N VAL A 55 -2.58 3.91 10.07
CA VAL A 55 -2.45 5.35 10.20
C VAL A 55 -1.91 5.68 11.58
N ILE A 56 -1.02 6.67 11.62
CA ILE A 56 -0.47 7.16 12.87
C ILE A 56 -1.07 8.53 13.17
N LYS A 57 -0.35 9.42 13.85
CA LYS A 57 -0.95 10.49 14.68
C LYS A 57 -2.47 10.31 14.90
N ASN A 58 -3.22 11.41 14.97
CA ASN A 58 -4.60 11.39 15.49
C ASN A 58 -5.49 10.33 14.82
N ARG A 59 -5.22 10.01 13.55
CA ARG A 59 -5.93 8.92 12.88
C ARG A 59 -5.26 7.59 13.19
N PHE A 60 -5.76 6.88 14.19
CA PHE A 60 -5.10 5.65 14.60
C PHE A 60 -5.83 4.43 14.04
N HIS A 61 -5.22 3.78 13.06
CA HIS A 61 -5.77 2.56 12.45
C HIS A 61 -4.63 1.69 11.92
N ARG A 62 -4.97 0.59 11.25
CA ARG A 62 -3.95 -0.37 10.83
C ARG A 62 -4.27 -1.07 9.51
N VAL A 63 -5.46 -0.84 8.96
CA VAL A 63 -5.96 -1.61 7.82
C VAL A 63 -6.22 -0.69 6.63
N PHE A 64 -6.15 -1.19 5.41
CA PHE A 64 -6.38 -0.35 4.25
C PHE A 64 -7.88 -0.17 4.01
N LEU A 65 -8.32 1.06 4.19
CA LEU A 65 -9.74 1.38 4.13
C LEU A 65 -10.17 1.77 2.71
N PRO A 66 -11.47 1.62 2.40
CA PRO A 66 -12.08 2.06 1.14
C PRO A 66 -11.85 3.55 0.85
N SER A 67 -12.14 3.96 -0.40
CA SER A 67 -11.89 5.33 -0.90
C SER A 67 -12.18 6.38 0.18
N HIS A 68 -11.18 7.20 0.47
CA HIS A 68 -11.16 7.96 1.70
C HIS A 68 -10.57 9.36 1.49
N SER A 69 -10.87 10.26 2.42
CA SER A 69 -10.44 11.64 2.34
C SER A 69 -9.01 11.83 2.84
N LEU A 70 -8.42 10.78 3.41
CA LEU A 70 -7.08 10.86 3.99
C LEU A 70 -6.00 10.85 2.91
N ASP A 71 -6.41 10.97 1.67
CA ASP A 71 -5.52 10.92 0.51
C ASP A 71 -4.95 12.29 0.20
N THR A 72 -4.90 13.11 1.23
CA THR A 72 -4.18 14.37 1.19
C THR A 72 -2.69 14.11 1.44
N VAL A 73 -1.87 15.11 1.17
CA VAL A 73 -0.42 14.94 1.21
C VAL A 73 0.07 14.75 2.65
N SER A 74 0.41 13.51 2.99
CA SER A 74 0.97 13.18 4.28
C SER A 74 2.00 12.07 4.11
N PRO A 75 3.27 12.34 4.46
CA PRO A 75 4.35 11.35 4.34
C PRO A 75 4.24 10.20 5.36
N SER A 76 3.60 10.47 6.48
CA SER A 76 3.62 9.57 7.62
C SER A 76 2.36 8.71 7.74
N ASP A 77 1.37 9.00 6.92
CA ASP A 77 0.10 8.27 6.98
C ASP A 77 0.23 6.86 6.42
N THR A 78 -0.88 6.13 6.47
CA THR A 78 -0.96 4.67 6.46
C THR A 78 0.17 3.91 5.75
N LEU A 79 0.71 2.95 6.49
CA LEU A 79 1.64 1.96 5.98
C LEU A 79 0.88 0.74 5.53
N LEU A 80 1.39 0.07 4.52
CA LEU A 80 0.88 -1.19 4.15
C LEU A 80 1.91 -2.26 4.44
N CYS A 81 1.46 -3.28 5.12
CA CYS A 81 2.24 -4.47 5.22
C CYS A 81 1.36 -5.71 5.13
N PHE A 82 1.30 -6.36 3.98
CA PHE A 82 0.68 -7.68 3.90
C PHE A 82 1.48 -8.66 3.08
N GLU A 83 1.35 -9.92 3.43
CA GLU A 83 1.97 -11.01 2.70
C GLU A 83 0.92 -11.98 2.15
N LEU A 84 0.84 -12.12 0.84
CA LEU A 84 0.06 -13.22 0.27
C LEU A 84 0.92 -14.09 -0.62
N LEU A 85 0.40 -15.24 -1.00
CA LEU A 85 1.04 -16.05 -2.02
C LEU A 85 0.29 -15.83 -3.33
N SER A 86 0.99 -15.32 -4.30
CA SER A 86 0.45 -15.10 -5.62
C SER A 86 1.61 -14.79 -6.55
N SER A 87 1.64 -15.37 -7.73
CA SER A 87 2.78 -15.18 -8.61
C SER A 87 2.40 -14.39 -9.84
N GLU A 88 2.90 -13.15 -9.91
CA GLU A 88 2.88 -12.34 -11.12
C GLU A 88 1.48 -12.20 -11.69
N LYS A 1 -3.54 13.36 -6.19
CA LYS A 1 -2.85 12.12 -6.63
C LYS A 1 -1.57 11.93 -5.84
N GLN A 2 -1.07 12.98 -5.24
CA GLN A 2 0.24 12.92 -4.63
C GLN A 2 0.17 12.72 -3.13
N LYS A 3 0.58 11.54 -2.72
CA LYS A 3 0.83 11.23 -1.32
C LYS A 3 1.85 10.11 -1.24
N VAL A 4 3.05 10.39 -0.75
CA VAL A 4 4.07 9.36 -0.69
C VAL A 4 4.01 8.62 0.64
N LEU A 5 3.43 7.43 0.60
CA LEU A 5 3.36 6.57 1.77
C LEU A 5 4.17 5.28 1.53
N PRO A 6 5.31 5.08 2.20
CA PRO A 6 6.07 3.84 2.08
C PRO A 6 5.51 2.71 2.96
N VAL A 7 5.33 1.54 2.36
CA VAL A 7 4.97 0.32 3.11
C VAL A 7 6.12 -0.69 3.11
N PHE A 8 6.26 -1.54 4.13
CA PHE A 8 7.26 -2.62 4.07
C PHE A 8 6.71 -3.96 4.52
N TYR A 9 6.30 -4.78 3.57
CA TYR A 9 5.97 -6.16 3.86
C TYR A 9 6.47 -7.13 2.82
N PHE A 10 6.56 -8.36 3.22
CA PHE A 10 7.33 -9.35 2.51
C PHE A 10 6.54 -9.87 1.33
N ALA A 11 7.05 -9.52 0.15
CA ALA A 11 6.38 -9.80 -1.11
C ALA A 11 6.63 -11.23 -1.54
N ARG A 12 5.69 -11.77 -2.30
CA ARG A 12 5.92 -13.05 -2.92
C ARG A 12 6.43 -12.86 -4.33
N GLU A 13 7.72 -12.68 -4.35
CA GLU A 13 8.56 -12.65 -5.51
C GLU A 13 9.27 -13.99 -5.59
N PRO A 14 10.09 -14.22 -6.63
CA PRO A 14 11.08 -15.32 -6.69
C PRO A 14 11.86 -15.59 -5.37
N HIS A 15 11.49 -14.86 -4.31
CA HIS A 15 12.15 -14.83 -3.01
C HIS A 15 13.40 -13.99 -3.07
N SER A 16 13.16 -12.77 -3.54
CA SER A 16 14.07 -11.68 -3.37
C SER A 16 13.85 -11.12 -1.96
N LYS A 17 14.55 -10.06 -1.60
CA LYS A 17 14.41 -9.51 -0.26
C LYS A 17 13.00 -8.95 -0.04
N PRO A 18 12.57 -8.83 1.24
CA PRO A 18 11.25 -8.28 1.60
C PRO A 18 11.03 -6.91 0.97
N ILE A 19 9.77 -6.58 0.66
CA ILE A 19 9.53 -5.39 -0.12
C ILE A 19 8.98 -4.25 0.71
N LYS A 20 9.77 -3.21 0.77
CA LYS A 20 9.31 -1.93 1.21
C LYS A 20 9.28 -1.01 0.01
N PHE A 21 8.11 -0.55 -0.35
CA PHE A 21 8.00 0.32 -1.49
C PHE A 21 7.28 1.58 -1.09
N LEU A 22 7.84 2.70 -1.47
CA LEU A 22 7.20 3.96 -1.25
C LEU A 22 6.38 4.28 -2.48
N VAL A 23 5.08 4.17 -2.36
CA VAL A 23 4.20 4.44 -3.47
C VAL A 23 3.61 5.82 -3.34
N SER A 24 3.66 6.61 -4.40
CA SER A 24 2.89 7.83 -4.39
C SER A 24 1.72 7.66 -5.33
N VAL A 25 0.57 7.43 -4.72
CA VAL A 25 -0.67 7.27 -5.42
C VAL A 25 -1.76 7.73 -4.48
N SER A 26 -2.87 8.15 -5.00
CA SER A 26 -4.01 8.43 -4.19
C SER A 26 -5.20 7.74 -4.81
N LYS A 27 -6.33 7.70 -4.12
CA LYS A 27 -7.54 7.33 -4.81
C LYS A 27 -7.92 8.45 -5.74
N GLU A 28 -7.42 8.36 -6.94
CA GLU A 28 -7.94 9.15 -8.04
C GLU A 28 -9.36 8.67 -8.33
N ASN A 29 -9.95 9.21 -9.37
CA ASN A 29 -11.40 9.15 -9.58
C ASN A 29 -11.99 7.71 -9.62
N SER A 30 -11.18 6.67 -9.42
CA SER A 30 -11.74 5.33 -9.54
C SER A 30 -11.73 4.52 -8.24
N THR A 31 -10.56 4.21 -7.69
CA THR A 31 -10.50 3.40 -6.48
C THR A 31 -9.42 3.83 -5.49
N ALA A 32 -9.60 3.40 -4.24
CA ALA A 32 -8.58 3.51 -3.20
C ALA A 32 -7.49 2.45 -3.40
N SER A 33 -7.87 1.40 -4.11
CA SER A 33 -7.05 0.22 -4.32
C SER A 33 -5.76 0.55 -5.09
N GLU A 34 -5.81 1.58 -5.92
CA GLU A 34 -4.72 1.91 -6.82
C GLU A 34 -3.41 2.09 -6.08
N VAL A 35 -3.46 2.55 -4.84
CA VAL A 35 -2.25 2.74 -4.07
C VAL A 35 -1.62 1.40 -3.70
N LEU A 36 -2.45 0.46 -3.24
CA LEU A 36 -1.99 -0.88 -2.90
C LEU A 36 -1.63 -1.63 -4.17
N ASP A 37 -2.37 -1.30 -5.23
CA ASP A 37 -2.11 -1.84 -6.56
C ASP A 37 -0.69 -1.51 -7.02
N SER A 38 -0.26 -0.27 -6.75
CA SER A 38 1.10 0.15 -7.04
C SER A 38 2.10 -0.74 -6.29
N LEU A 39 1.74 -1.06 -5.06
CA LEU A 39 2.56 -1.89 -4.20
C LEU A 39 2.84 -3.25 -4.82
N SER A 40 1.77 -3.95 -5.14
CA SER A 40 1.88 -5.29 -5.69
C SER A 40 2.44 -5.31 -7.10
N GLN A 41 2.09 -4.32 -7.92
CA GLN A 41 2.57 -4.30 -9.29
C GLN A 41 4.08 -4.07 -9.32
N SER A 42 4.58 -3.35 -8.31
CA SER A 42 6.01 -3.19 -8.10
C SER A 42 6.65 -4.54 -7.84
N VAL A 43 5.86 -5.45 -7.31
CA VAL A 43 6.28 -6.80 -7.00
C VAL A 43 6.07 -7.72 -8.21
N HIS A 44 5.47 -7.14 -9.25
CA HIS A 44 5.16 -7.86 -10.49
C HIS A 44 4.13 -8.96 -10.20
N VAL A 45 3.25 -8.62 -9.29
CA VAL A 45 2.12 -9.46 -8.94
C VAL A 45 0.86 -8.61 -8.89
N LYS A 46 -0.30 -9.23 -9.08
CA LYS A 46 -1.56 -8.52 -8.93
C LYS A 46 -1.67 -7.97 -7.50
N PRO A 47 -2.45 -6.88 -7.36
CA PRO A 47 -2.70 -6.15 -6.09
C PRO A 47 -2.89 -7.06 -4.87
N GLU A 48 -3.28 -8.29 -5.13
CA GLU A 48 -3.72 -9.23 -4.12
C GLU A 48 -2.64 -9.55 -3.09
N ASN A 49 -1.41 -9.14 -3.31
CA ASN A 49 -0.33 -9.66 -2.45
C ASN A 49 -0.20 -8.92 -1.13
N LEU A 50 -0.52 -7.64 -1.09
CA LEU A 50 -0.46 -6.92 0.17
C LEU A 50 -1.56 -5.90 0.26
N ARG A 51 -2.26 -5.87 1.38
CA ARG A 51 -3.20 -4.80 1.65
C ARG A 51 -3.28 -4.51 3.15
N LEU A 52 -2.83 -3.34 3.54
CA LEU A 52 -3.09 -2.75 4.84
C LEU A 52 -3.03 -1.24 4.71
N ALA A 53 -3.85 -0.48 5.39
CA ALA A 53 -3.50 0.91 5.52
C ALA A 53 -3.36 1.26 6.99
N GLU A 54 -2.16 1.63 7.36
CA GLU A 54 -1.86 2.02 8.71
C GLU A 54 -1.69 3.52 8.82
N VAL A 55 -2.52 4.13 9.63
CA VAL A 55 -2.45 5.57 9.85
C VAL A 55 -1.69 5.82 11.13
N ILE A 56 -0.80 6.79 11.12
CA ILE A 56 -0.14 7.15 12.36
C ILE A 56 -0.36 8.62 12.70
N LYS A 57 -1.09 8.81 13.78
CA LYS A 57 -1.52 10.10 14.32
C LYS A 57 -2.69 9.79 15.24
N ASN A 58 -3.63 10.71 15.41
CA ASN A 58 -4.84 10.43 16.20
C ASN A 58 -5.55 9.18 15.66
N ARG A 59 -5.58 9.02 14.35
CA ARG A 59 -5.95 7.72 13.75
C ARG A 59 -4.76 6.78 13.79
N PHE A 60 -4.73 5.92 14.80
CA PHE A 60 -3.69 4.90 14.87
C PHE A 60 -4.29 3.55 14.53
N HIS A 61 -4.19 3.19 13.27
CA HIS A 61 -4.74 1.93 12.76
C HIS A 61 -3.80 1.36 11.73
N ARG A 62 -4.15 0.22 11.13
CA ARG A 62 -3.25 -0.45 10.20
C ARG A 62 -3.98 -1.12 9.04
N VAL A 63 -5.29 -0.85 8.93
CA VAL A 63 -6.17 -1.60 8.01
C VAL A 63 -6.42 -0.82 6.73
N PHE A 64 -6.35 -1.48 5.57
CA PHE A 64 -6.68 -0.83 4.32
C PHE A 64 -8.18 -0.59 4.25
N LEU A 65 -8.54 0.66 4.31
CA LEU A 65 -9.92 1.05 4.35
C LEU A 65 -10.49 1.23 2.95
N PRO A 66 -11.82 1.09 2.80
CA PRO A 66 -12.53 1.37 1.54
C PRO A 66 -12.21 2.75 0.98
N SER A 67 -12.61 3.00 -0.27
CA SER A 67 -12.34 4.26 -0.96
C SER A 67 -12.44 5.45 -0.01
N HIS A 68 -11.34 6.19 0.09
CA HIS A 68 -11.13 7.12 1.18
C HIS A 68 -10.84 8.53 0.69
N SER A 69 -11.28 9.51 1.47
CA SER A 69 -11.05 10.93 1.17
C SER A 69 -9.65 11.37 1.63
N LEU A 70 -8.98 10.46 2.32
CA LEU A 70 -7.68 10.74 2.95
C LEU A 70 -6.53 10.93 1.95
N ASP A 71 -6.84 11.09 0.68
CA ASP A 71 -5.83 11.14 -0.40
C ASP A 71 -5.04 12.45 -0.44
N THR A 72 -4.89 13.06 0.72
CA THR A 72 -4.02 14.21 0.87
C THR A 72 -2.57 13.74 0.96
N VAL A 73 -1.63 14.65 0.86
CA VAL A 73 -0.21 14.33 0.75
C VAL A 73 0.35 13.69 2.04
N SER A 74 1.64 13.33 2.00
CA SER A 74 2.40 12.61 3.06
C SER A 74 1.73 12.49 4.45
N PRO A 75 1.25 13.58 5.09
CA PRO A 75 0.47 13.50 6.35
C PRO A 75 -0.65 12.45 6.36
N SER A 76 -0.93 11.88 5.19
CA SER A 76 -1.92 10.82 5.05
C SER A 76 -1.42 9.48 5.58
N ASP A 77 -0.24 9.50 6.22
CA ASP A 77 0.49 8.29 6.65
C ASP A 77 -0.37 7.06 6.73
N THR A 78 -0.16 6.17 5.78
CA THR A 78 -0.84 4.90 5.76
C THR A 78 0.07 3.83 5.19
N LEU A 79 0.42 2.88 6.04
CA LEU A 79 1.39 1.88 5.71
C LEU A 79 0.73 0.51 5.63
N LEU A 80 1.19 -0.31 4.73
CA LEU A 80 0.77 -1.68 4.78
C LEU A 80 1.89 -2.59 5.13
N CYS A 81 1.48 -3.63 5.79
CA CYS A 81 2.30 -4.79 5.94
C CYS A 81 1.47 -6.03 5.63
N PHE A 82 1.58 -6.56 4.41
CA PHE A 82 0.97 -7.83 4.10
C PHE A 82 1.89 -8.77 3.31
N GLU A 83 1.60 -10.04 3.49
CA GLU A 83 2.16 -11.12 2.71
C GLU A 83 1.04 -11.97 2.08
N LEU A 84 0.98 -12.04 0.77
CA LEU A 84 0.12 -13.03 0.09
C LEU A 84 0.95 -13.81 -0.90
N LEU A 85 0.59 -15.05 -1.16
CA LEU A 85 1.32 -15.83 -2.12
C LEU A 85 0.64 -15.69 -3.47
N SER A 86 1.34 -15.07 -4.38
CA SER A 86 0.93 -14.91 -5.76
C SER A 86 2.13 -14.39 -6.53
N SER A 87 2.28 -14.74 -7.79
CA SER A 87 3.40 -14.24 -8.58
C SER A 87 3.04 -14.18 -10.06
N GLU A 88 3.56 -13.17 -10.75
CA GLU A 88 3.41 -13.04 -12.19
C GLU A 88 1.99 -12.63 -12.57
N LYS A 1 -3.94 13.14 -5.80
CA LYS A 1 -3.31 11.89 -6.26
C LYS A 1 -1.88 11.77 -5.72
N GLN A 2 -1.43 12.78 -4.97
CA GLN A 2 -0.07 12.77 -4.48
C GLN A 2 -0.01 12.48 -2.99
N LYS A 3 0.56 11.33 -2.70
CA LYS A 3 0.84 10.91 -1.34
C LYS A 3 2.03 9.97 -1.38
N VAL A 4 3.17 10.38 -0.85
CA VAL A 4 4.32 9.50 -0.90
C VAL A 4 4.34 8.58 0.32
N LEU A 5 3.93 7.36 0.09
CA LEU A 5 3.89 6.35 1.13
C LEU A 5 4.84 5.19 0.83
N PRO A 6 5.89 4.99 1.62
CA PRO A 6 6.62 3.75 1.54
C PRO A 6 5.86 2.65 2.27
N VAL A 7 5.68 1.51 1.64
CA VAL A 7 5.04 0.37 2.29
C VAL A 7 6.06 -0.72 2.59
N PHE A 8 5.97 -1.37 3.73
CA PHE A 8 6.96 -2.38 4.08
C PHE A 8 6.31 -3.74 4.25
N TYR A 9 6.64 -4.63 3.34
CA TYR A 9 5.98 -5.89 3.20
C TYR A 9 6.94 -7.05 3.17
N PHE A 10 6.48 -8.17 3.69
CA PHE A 10 7.27 -9.39 3.60
C PHE A 10 7.00 -10.01 2.25
N ALA A 11 8.02 -9.99 1.41
CA ALA A 11 7.86 -10.19 -0.01
C ALA A 11 7.83 -11.65 -0.39
N ARG A 12 6.94 -11.98 -1.30
CA ARG A 12 6.95 -13.27 -1.93
C ARG A 12 7.47 -13.06 -3.34
N GLU A 13 8.78 -13.02 -3.39
CA GLU A 13 9.54 -12.84 -4.59
C GLU A 13 10.16 -14.18 -4.98
N PRO A 14 10.87 -14.24 -6.12
CA PRO A 14 11.75 -15.36 -6.52
C PRO A 14 12.61 -15.99 -5.39
N HIS A 15 12.38 -15.57 -4.15
CA HIS A 15 13.25 -15.82 -2.98
C HIS A 15 14.40 -14.85 -3.00
N SER A 16 14.02 -13.61 -3.20
CA SER A 16 14.88 -12.47 -2.96
C SER A 16 14.53 -11.89 -1.59
N LYS A 17 15.13 -10.77 -1.30
CA LYS A 17 15.01 -10.10 0.00
C LYS A 17 13.57 -9.61 0.27
N PRO A 18 13.23 -9.38 1.57
CA PRO A 18 11.98 -8.71 1.97
C PRO A 18 11.95 -7.28 1.44
N ILE A 19 10.77 -6.76 1.11
CA ILE A 19 10.73 -5.55 0.30
C ILE A 19 9.79 -4.48 0.85
N LYS A 20 10.28 -3.26 0.78
CA LYS A 20 9.48 -2.07 1.03
C LYS A 20 9.50 -1.20 -0.22
N PHE A 21 8.34 -0.91 -0.80
CA PHE A 21 8.33 -0.02 -1.96
C PHE A 21 7.69 1.30 -1.61
N LEU A 22 8.34 2.36 -2.00
CA LEU A 22 7.80 3.68 -1.84
C LEU A 22 7.02 4.04 -3.10
N VAL A 23 5.71 4.05 -2.98
CA VAL A 23 4.86 4.48 -4.07
C VAL A 23 4.18 5.80 -3.71
N SER A 24 4.16 6.74 -4.63
CA SER A 24 3.39 7.94 -4.37
C SER A 24 2.02 7.78 -5.02
N VAL A 25 1.01 7.57 -4.18
CA VAL A 25 -0.37 7.43 -4.64
C VAL A 25 -1.30 7.86 -3.54
N SER A 26 -2.45 8.35 -3.93
CA SER A 26 -3.54 8.56 -3.00
C SER A 26 -4.81 8.08 -3.66
N LYS A 27 -5.84 7.88 -2.88
CA LYS A 27 -7.12 7.55 -3.47
C LYS A 27 -7.59 8.71 -4.31
N GLU A 28 -7.48 8.53 -5.61
CA GLU A 28 -8.02 9.49 -6.53
C GLU A 28 -9.53 9.36 -6.48
N ASN A 29 -10.21 10.14 -7.27
CA ASN A 29 -11.66 10.18 -7.24
C ASN A 29 -12.29 8.84 -7.66
N SER A 30 -11.47 7.81 -7.91
CA SER A 30 -12.05 6.54 -8.34
C SER A 30 -12.03 5.48 -7.24
N THR A 31 -10.85 5.11 -6.77
CA THR A 31 -10.75 4.11 -5.71
C THR A 31 -9.66 4.44 -4.68
N ALA A 32 -9.75 3.81 -3.51
CA ALA A 32 -8.65 3.77 -2.55
C ALA A 32 -7.58 2.77 -3.01
N SER A 33 -8.02 1.84 -3.85
CA SER A 33 -7.24 0.68 -4.27
C SER A 33 -5.99 1.05 -5.04
N GLU A 34 -6.02 2.19 -5.73
CA GLU A 34 -4.94 2.59 -6.63
C GLU A 34 -3.60 2.57 -5.91
N VAL A 35 -3.62 2.85 -4.60
CA VAL A 35 -2.40 2.82 -3.82
C VAL A 35 -1.88 1.40 -3.65
N LEU A 36 -2.78 0.46 -3.36
CA LEU A 36 -2.39 -0.94 -3.20
C LEU A 36 -1.99 -1.50 -4.57
N ASP A 37 -2.69 -1.04 -5.62
CA ASP A 37 -2.38 -1.43 -6.99
C ASP A 37 -0.94 -1.11 -7.30
N SER A 38 -0.50 0.05 -6.83
CA SER A 38 0.87 0.47 -7.01
C SER A 38 1.84 -0.53 -6.40
N LEU A 39 1.48 -1.07 -5.24
CA LEU A 39 2.35 -1.98 -4.52
C LEU A 39 2.45 -3.32 -5.23
N SER A 40 1.30 -3.91 -5.58
CA SER A 40 1.30 -5.17 -6.34
C SER A 40 2.17 -5.10 -7.58
N GLN A 41 2.03 -4.04 -8.38
CA GLN A 41 2.81 -3.92 -9.59
C GLN A 41 4.28 -3.70 -9.27
N SER A 42 4.53 -3.04 -8.15
CA SER A 42 5.89 -2.87 -7.63
C SER A 42 6.53 -4.22 -7.34
N VAL A 43 5.70 -5.15 -6.91
CA VAL A 43 6.14 -6.48 -6.57
C VAL A 43 6.16 -7.39 -7.80
N HIS A 44 5.58 -6.88 -8.88
CA HIS A 44 5.47 -7.63 -10.14
C HIS A 44 4.54 -8.80 -9.94
N VAL A 45 3.47 -8.53 -9.23
CA VAL A 45 2.53 -9.54 -8.83
C VAL A 45 1.09 -9.05 -8.94
N LYS A 46 0.14 -9.98 -9.00
CA LYS A 46 -1.27 -9.63 -9.04
C LYS A 46 -1.67 -8.81 -7.81
N PRO A 47 -2.58 -7.82 -8.03
CA PRO A 47 -3.03 -6.85 -7.01
C PRO A 47 -3.39 -7.47 -5.66
N GLU A 48 -3.77 -8.73 -5.70
CA GLU A 48 -4.29 -9.45 -4.56
C GLU A 48 -3.31 -9.60 -3.41
N ASN A 49 -2.06 -9.25 -3.62
CA ASN A 49 -1.03 -9.64 -2.64
C ASN A 49 -0.94 -8.75 -1.41
N LEU A 50 -1.46 -7.55 -1.50
CA LEU A 50 -1.27 -6.61 -0.41
C LEU A 50 -2.59 -5.98 0.07
N ARG A 51 -2.88 -6.06 1.38
CA ARG A 51 -3.87 -5.15 1.98
C ARG A 51 -3.58 -4.92 3.48
N LEU A 52 -3.19 -3.72 3.82
CA LEU A 52 -3.24 -3.25 5.21
C LEU A 52 -3.18 -1.75 5.19
N ALA A 53 -4.12 -0.99 5.71
CA ALA A 53 -3.87 0.42 5.74
C ALA A 53 -3.89 0.95 7.16
N GLU A 54 -2.76 1.47 7.61
CA GLU A 54 -2.65 1.98 8.97
C GLU A 54 -2.14 3.39 8.99
N VAL A 55 -2.91 4.25 9.62
CA VAL A 55 -2.61 5.66 9.59
C VAL A 55 -1.61 6.02 10.66
N ILE A 56 -0.55 6.72 10.29
CA ILE A 56 0.45 7.08 11.28
C ILE A 56 0.40 8.56 11.56
N LYS A 57 0.12 8.84 12.82
CA LYS A 57 -0.18 10.15 13.35
C LYS A 57 -0.92 9.90 14.65
N ASN A 58 -1.78 10.80 15.07
CA ASN A 58 -2.65 10.54 16.21
C ASN A 58 -3.64 9.42 15.87
N ARG A 59 -3.77 9.11 14.58
CA ARG A 59 -4.62 8.01 14.13
C ARG A 59 -4.11 6.69 14.70
N PHE A 60 -2.83 6.40 14.44
CA PHE A 60 -2.12 5.26 15.03
C PHE A 60 -2.66 3.92 14.54
N HIS A 61 -2.06 3.43 13.44
CA HIS A 61 -2.35 2.10 12.88
C HIS A 61 -3.72 2.04 12.20
N ARG A 62 -4.02 0.84 11.65
CA ARG A 62 -5.33 0.43 11.11
C ARG A 62 -5.14 -0.59 9.98
N VAL A 63 -6.21 -0.76 9.20
CA VAL A 63 -6.38 -1.84 8.22
C VAL A 63 -6.78 -1.23 6.89
N PHE A 64 -6.60 -1.92 5.78
CA PHE A 64 -6.91 -1.32 4.49
C PHE A 64 -8.40 -1.21 4.32
N LEU A 65 -8.89 0.01 4.44
CA LEU A 65 -10.29 0.31 4.35
C LEU A 65 -10.69 0.66 2.92
N PRO A 66 -11.98 0.50 2.59
CA PRO A 66 -12.58 1.02 1.35
C PRO A 66 -12.23 2.49 1.11
N SER A 67 -12.51 3.01 -0.09
CA SER A 67 -12.11 4.35 -0.50
C SER A 67 -12.16 5.35 0.66
N HIS A 68 -10.97 5.71 1.14
CA HIS A 68 -10.83 6.40 2.41
C HIS A 68 -10.20 7.77 2.25
N SER A 69 -10.86 8.77 2.83
CA SER A 69 -10.55 10.21 2.69
C SER A 69 -9.13 10.59 3.11
N LEU A 70 -8.37 9.63 3.63
CA LEU A 70 -7.02 9.86 4.15
C LEU A 70 -6.02 10.23 3.03
N ASP A 71 -6.51 10.54 1.84
CA ASP A 71 -5.65 10.88 0.70
C ASP A 71 -5.03 12.28 0.82
N THR A 72 -4.86 12.75 2.05
CA THR A 72 -4.20 14.01 2.29
C THR A 72 -2.68 13.82 2.24
N VAL A 73 -1.95 14.90 1.95
CA VAL A 73 -0.51 14.82 1.76
C VAL A 73 0.20 14.56 3.09
N SER A 74 0.55 13.31 3.31
CA SER A 74 1.33 12.90 4.47
C SER A 74 2.13 11.65 4.13
N PRO A 75 3.47 11.76 4.11
CA PRO A 75 4.36 10.61 3.81
C PRO A 75 4.26 9.51 4.87
N SER A 76 3.80 9.87 6.05
CA SER A 76 3.65 8.91 7.14
C SER A 76 2.20 8.45 7.27
N ASP A 77 1.36 8.87 6.34
CA ASP A 77 -0.05 8.53 6.37
C ASP A 77 -0.25 7.04 6.14
N THR A 78 -1.50 6.58 6.32
CA THR A 78 -1.84 5.16 6.32
C THR A 78 -0.99 4.29 5.38
N LEU A 79 -0.15 3.49 6.02
CA LEU A 79 0.77 2.55 5.40
C LEU A 79 0.16 1.19 5.24
N LEU A 80 0.68 0.47 4.29
CA LEU A 80 0.31 -0.87 4.08
C LEU A 80 1.48 -1.78 4.41
N CYS A 81 1.13 -2.76 5.23
CA CYS A 81 2.05 -3.82 5.58
C CYS A 81 1.38 -5.15 5.24
N PHE A 82 1.83 -5.74 4.16
CA PHE A 82 1.20 -6.92 3.60
C PHE A 82 2.17 -8.02 3.36
N GLU A 83 1.62 -9.19 3.18
CA GLU A 83 2.40 -10.28 2.69
C GLU A 83 1.86 -10.74 1.36
N LEU A 84 2.70 -10.58 0.37
CA LEU A 84 2.47 -11.02 -0.98
C LEU A 84 1.90 -12.42 -1.09
N LEU A 85 1.10 -12.54 -2.11
CA LEU A 85 0.49 -13.74 -2.55
C LEU A 85 1.22 -14.18 -3.80
N SER A 86 0.93 -15.37 -4.18
CA SER A 86 1.41 -15.98 -5.43
C SER A 86 2.03 -14.99 -6.42
N SER A 87 3.35 -15.05 -6.57
CA SER A 87 4.06 -14.17 -7.48
C SER A 87 3.57 -14.36 -8.93
N GLU A 88 3.64 -13.30 -9.72
CA GLU A 88 3.21 -13.36 -11.11
C GLU A 88 4.27 -14.03 -11.96
N LYS A 1 -4.32 13.80 -4.98
CA LYS A 1 -3.51 12.82 -5.75
C LYS A 1 -2.17 12.55 -5.08
N GLN A 2 -1.68 13.50 -4.29
CA GLN A 2 -0.34 13.39 -3.75
C GLN A 2 -0.35 12.98 -2.29
N LYS A 3 0.13 11.78 -2.04
CA LYS A 3 0.56 11.36 -0.73
C LYS A 3 1.56 10.22 -0.88
N VAL A 4 2.82 10.49 -0.53
CA VAL A 4 3.88 9.53 -0.78
C VAL A 4 4.05 8.58 0.42
N LEU A 5 3.62 7.35 0.23
CA LEU A 5 3.71 6.35 1.28
C LEU A 5 4.68 5.23 0.90
N PRO A 6 5.86 5.14 1.52
CA PRO A 6 6.64 3.93 1.41
C PRO A 6 6.11 2.88 2.38
N VAL A 7 5.78 1.71 1.88
CA VAL A 7 5.24 0.65 2.73
C VAL A 7 6.22 -0.49 2.89
N PHE A 8 6.16 -1.21 4.00
CA PHE A 8 7.04 -2.36 4.19
C PHE A 8 6.24 -3.64 4.11
N TYR A 9 6.34 -4.29 2.97
CA TYR A 9 5.53 -5.45 2.68
C TYR A 9 6.39 -6.66 2.40
N PHE A 10 5.89 -7.82 2.78
CA PHE A 10 6.67 -9.02 2.59
C PHE A 10 6.40 -9.53 1.18
N ALA A 11 7.43 -9.41 0.36
CA ALA A 11 7.28 -9.64 -1.05
C ALA A 11 7.40 -11.10 -1.37
N ARG A 12 6.46 -11.57 -2.16
CA ARG A 12 6.51 -12.95 -2.59
C ARG A 12 7.10 -12.96 -3.97
N GLU A 13 8.39 -12.85 -3.94
CA GLU A 13 9.28 -13.00 -5.05
C GLU A 13 9.98 -14.34 -4.90
N PRO A 14 10.88 -14.71 -5.83
CA PRO A 14 11.81 -15.86 -5.68
C PRO A 14 12.44 -16.02 -4.27
N HIS A 15 12.02 -15.16 -3.34
CA HIS A 15 12.54 -15.06 -1.99
C HIS A 15 13.85 -14.33 -1.96
N SER A 16 13.81 -13.17 -2.57
CA SER A 16 14.73 -12.10 -2.29
C SER A 16 14.34 -11.51 -0.93
N LYS A 17 15.03 -10.46 -0.50
CA LYS A 17 14.70 -9.83 0.77
C LYS A 17 13.30 -9.19 0.72
N PRO A 18 12.61 -9.11 1.88
CA PRO A 18 11.30 -8.46 1.97
C PRO A 18 11.34 -7.03 1.44
N ILE A 19 10.30 -6.62 0.74
CA ILE A 19 10.38 -5.41 -0.06
C ILE A 19 9.50 -4.29 0.45
N LYS A 20 10.15 -3.21 0.82
CA LYS A 20 9.48 -1.97 1.12
C LYS A 20 9.52 -1.08 -0.11
N PHE A 21 8.35 -0.76 -0.67
CA PHE A 21 8.31 0.07 -1.84
C PHE A 21 7.69 1.41 -1.50
N LEU A 22 8.22 2.46 -2.09
CA LEU A 22 7.63 3.76 -1.96
C LEU A 22 6.68 3.97 -3.12
N VAL A 23 5.39 3.90 -2.84
CA VAL A 23 4.40 4.22 -3.83
C VAL A 23 3.74 5.55 -3.47
N SER A 24 3.89 6.54 -4.32
CA SER A 24 3.19 7.77 -4.07
C SER A 24 1.92 7.82 -4.89
N VAL A 25 0.80 7.58 -4.23
CA VAL A 25 -0.52 7.61 -4.84
C VAL A 25 -1.52 7.98 -3.77
N SER A 26 -2.64 8.49 -4.19
CA SER A 26 -3.77 8.67 -3.31
C SER A 26 -4.96 8.08 -4.04
N LYS A 27 -6.09 7.94 -3.37
CA LYS A 27 -7.29 7.55 -4.07
C LYS A 27 -7.65 8.60 -5.11
N GLU A 28 -7.17 8.39 -6.31
CA GLU A 28 -7.63 9.15 -7.45
C GLU A 28 -9.11 8.89 -7.64
N ASN A 29 -9.68 9.52 -8.65
CA ASN A 29 -11.13 9.61 -8.82
C ASN A 29 -11.86 8.27 -8.94
N SER A 30 -11.16 7.14 -8.82
CA SER A 30 -11.87 5.87 -8.95
C SER A 30 -11.85 5.04 -7.66
N THR A 31 -10.67 4.65 -7.19
CA THR A 31 -10.58 3.84 -5.98
C THR A 31 -9.37 4.21 -5.11
N ALA A 32 -9.40 3.76 -3.85
CA ALA A 32 -8.24 3.82 -2.95
C ALA A 32 -7.22 2.74 -3.29
N SER A 33 -7.69 1.68 -3.93
CA SER A 33 -6.90 0.48 -4.19
C SER A 33 -5.69 0.78 -5.07
N GLU A 34 -5.79 1.81 -5.89
CA GLU A 34 -4.77 2.14 -6.87
C GLU A 34 -3.40 2.33 -6.20
N VAL A 35 -3.40 2.78 -4.95
CA VAL A 35 -2.16 2.90 -4.20
C VAL A 35 -1.53 1.54 -3.96
N LEU A 36 -2.35 0.57 -3.56
CA LEU A 36 -1.90 -0.78 -3.31
C LEU A 36 -1.54 -1.43 -4.64
N ASP A 37 -2.28 -1.06 -5.67
CA ASP A 37 -2.05 -1.54 -7.02
C ASP A 37 -0.61 -1.24 -7.43
N SER A 38 -0.16 -0.03 -7.11
CA SER A 38 1.20 0.37 -7.38
C SER A 38 2.17 -0.59 -6.69
N LEU A 39 1.78 -0.99 -5.51
CA LEU A 39 2.55 -1.90 -4.69
C LEU A 39 2.59 -3.32 -5.26
N SER A 40 1.42 -3.89 -5.48
CA SER A 40 1.29 -5.21 -6.08
C SER A 40 2.08 -5.34 -7.38
N GLN A 41 1.97 -4.36 -8.27
CA GLN A 41 2.62 -4.44 -9.56
C GLN A 41 4.14 -4.34 -9.41
N SER A 42 4.58 -3.65 -8.37
CA SER A 42 5.98 -3.64 -7.99
C SER A 42 6.47 -5.04 -7.65
N VAL A 43 5.53 -5.90 -7.31
CA VAL A 43 5.82 -7.26 -6.89
C VAL A 43 5.70 -8.24 -8.07
N HIS A 44 5.28 -7.72 -9.21
CA HIS A 44 5.08 -8.52 -10.43
C HIS A 44 3.97 -9.54 -10.18
N VAL A 45 3.04 -9.13 -9.35
CA VAL A 45 1.85 -9.89 -9.08
C VAL A 45 0.63 -8.99 -9.22
N LYS A 46 -0.51 -9.59 -9.49
CA LYS A 46 -1.76 -8.84 -9.51
C LYS A 46 -2.03 -8.24 -8.13
N PRO A 47 -2.91 -7.21 -8.07
CA PRO A 47 -3.21 -6.39 -6.88
C PRO A 47 -3.32 -7.14 -5.55
N GLU A 48 -3.62 -8.41 -5.61
CA GLU A 48 -4.09 -9.18 -4.47
C GLU A 48 -3.14 -9.24 -3.28
N ASN A 49 -1.91 -8.81 -3.43
CA ASN A 49 -0.90 -9.17 -2.44
C ASN A 49 -0.84 -8.30 -1.18
N LEU A 50 -1.29 -7.05 -1.25
CA LEU A 50 -1.10 -6.16 -0.12
C LEU A 50 -2.38 -5.44 0.34
N ARG A 51 -2.70 -5.55 1.64
CA ARG A 51 -3.55 -4.56 2.31
C ARG A 51 -3.25 -4.51 3.81
N LEU A 52 -2.71 -3.42 4.31
CA LEU A 52 -2.81 -3.13 5.75
C LEU A 52 -2.56 -1.66 5.96
N ALA A 53 -3.48 -0.78 6.29
CA ALA A 53 -3.07 0.62 6.37
C ALA A 53 -3.33 1.21 7.72
N GLU A 54 -2.27 1.68 8.36
CA GLU A 54 -2.34 2.21 9.70
C GLU A 54 -2.08 3.70 9.74
N VAL A 55 -3.03 4.43 10.28
CA VAL A 55 -2.93 5.87 10.31
C VAL A 55 -2.00 6.36 11.40
N ILE A 56 -1.32 7.46 11.11
CA ILE A 56 -0.30 8.02 11.96
C ILE A 56 -0.91 9.20 12.74
N LYS A 57 -0.14 10.23 13.13
CA LYS A 57 -0.49 11.13 14.25
C LYS A 57 -1.66 10.61 15.10
N ASN A 58 -2.52 11.49 15.60
CA ASN A 58 -3.58 11.11 16.55
C ASN A 58 -4.45 9.93 16.04
N ARG A 59 -4.36 9.63 14.75
CA ARG A 59 -5.06 8.49 14.20
C ARG A 59 -4.46 7.21 14.80
N PHE A 60 -5.31 6.29 15.24
CA PHE A 60 -4.85 5.14 16.01
C PHE A 60 -4.55 3.92 15.14
N HIS A 61 -3.57 4.05 14.22
CA HIS A 61 -3.19 2.94 13.33
C HIS A 61 -4.38 2.53 12.48
N ARG A 62 -4.29 1.35 11.83
CA ARG A 62 -5.45 0.71 11.17
C ARG A 62 -5.02 -0.36 10.14
N VAL A 63 -5.93 -0.57 9.19
CA VAL A 63 -5.90 -1.64 8.20
C VAL A 63 -6.26 -0.99 6.87
N PHE A 64 -5.91 -1.59 5.73
CA PHE A 64 -6.16 -0.91 4.47
C PHE A 64 -7.52 -1.30 3.89
N LEU A 65 -8.41 -0.31 3.90
CA LEU A 65 -9.79 -0.50 3.48
C LEU A 65 -10.00 -0.20 2.00
N PRO A 66 -11.10 -0.75 1.43
CA PRO A 66 -11.61 -0.39 0.11
C PRO A 66 -11.73 1.14 -0.09
N SER A 67 -11.97 1.56 -1.33
CA SER A 67 -11.96 2.99 -1.71
C SER A 67 -12.56 3.89 -0.62
N HIS A 68 -11.72 4.78 -0.06
CA HIS A 68 -12.13 5.66 1.03
C HIS A 68 -11.36 6.98 0.99
N SER A 69 -11.86 7.96 1.74
CA SER A 69 -11.37 9.36 1.78
C SER A 69 -9.88 9.52 2.13
N LEU A 70 -9.20 8.40 2.34
CA LEU A 70 -7.86 8.36 2.93
C LEU A 70 -6.76 8.98 2.05
N ASP A 71 -7.11 9.72 0.99
CA ASP A 71 -6.09 10.30 0.10
C ASP A 71 -5.54 11.61 0.64
N THR A 72 -5.55 11.78 1.95
CA THR A 72 -5.07 13.00 2.57
C THR A 72 -3.54 13.03 2.64
N VAL A 73 -2.99 14.23 2.53
CA VAL A 73 -1.54 14.42 2.42
C VAL A 73 -0.85 14.31 3.77
N SER A 74 -0.24 13.16 4.01
CA SER A 74 0.60 12.96 5.19
C SER A 74 1.67 11.92 4.86
N PRO A 75 2.95 12.27 5.08
CA PRO A 75 4.09 11.41 4.71
C PRO A 75 4.18 10.13 5.53
N SER A 76 3.76 10.20 6.79
CA SER A 76 3.81 9.04 7.68
C SER A 76 2.44 8.37 7.78
N ASP A 77 1.49 8.87 7.00
CA ASP A 77 0.12 8.36 6.98
C ASP A 77 0.08 6.88 6.64
N THR A 78 -1.12 6.31 6.71
CA THR A 78 -1.36 4.87 6.72
C THR A 78 -0.31 4.06 6.00
N LEU A 79 0.46 3.34 6.79
CA LEU A 79 1.43 2.42 6.30
C LEU A 79 0.83 1.09 6.10
N LEU A 80 1.19 0.42 5.02
CA LEU A 80 0.76 -0.90 4.84
C LEU A 80 1.88 -1.88 4.93
N CYS A 81 1.52 -2.97 5.56
CA CYS A 81 2.39 -4.10 5.63
C CYS A 81 1.59 -5.38 5.38
N PHE A 82 1.66 -5.95 4.19
CA PHE A 82 0.97 -7.21 3.99
C PHE A 82 1.77 -8.24 3.25
N GLU A 83 1.46 -9.49 3.53
CA GLU A 83 1.82 -10.59 2.66
C GLU A 83 0.56 -11.40 2.31
N LEU A 84 0.21 -11.45 1.03
CA LEU A 84 -0.82 -12.37 0.56
C LEU A 84 -0.24 -13.17 -0.60
N LEU A 85 -0.41 -14.48 -0.62
CA LEU A 85 0.37 -15.28 -1.54
C LEU A 85 -0.32 -15.48 -2.87
N SER A 86 0.32 -14.94 -3.89
CA SER A 86 0.07 -15.30 -5.25
C SER A 86 1.28 -14.82 -6.04
N SER A 87 1.46 -15.21 -7.29
CA SER A 87 2.62 -14.73 -8.04
C SER A 87 2.46 -14.94 -9.54
N GLU A 88 3.11 -14.07 -10.32
CA GLU A 88 3.22 -14.25 -11.75
C GLU A 88 1.85 -14.09 -12.42
N LYS A 1 -4.30 12.82 -5.73
CA LYS A 1 -3.58 11.81 -6.53
C LYS A 1 -2.15 11.60 -6.04
N GLN A 2 -1.53 12.63 -5.48
CA GLN A 2 -0.15 12.50 -5.02
C GLN A 2 -0.01 12.60 -3.50
N LYS A 3 0.45 11.52 -2.89
CA LYS A 3 0.84 11.51 -1.49
C LYS A 3 1.87 10.41 -1.28
N VAL A 4 3.00 10.76 -0.67
CA VAL A 4 4.14 9.86 -0.61
C VAL A 4 4.04 8.91 0.58
N LEU A 5 3.71 7.66 0.29
CA LEU A 5 3.64 6.63 1.31
C LEU A 5 4.68 5.53 1.08
N PRO A 6 5.74 5.43 1.89
CA PRO A 6 6.54 4.22 1.86
C PRO A 6 5.87 3.13 2.70
N VAL A 7 5.64 1.98 2.11
CA VAL A 7 5.07 0.84 2.82
C VAL A 7 6.06 -0.32 2.89
N PHE A 8 5.96 -1.18 3.91
CA PHE A 8 6.84 -2.34 3.99
C PHE A 8 6.03 -3.62 4.02
N TYR A 9 6.10 -4.36 2.94
CA TYR A 9 5.25 -5.51 2.74
C TYR A 9 6.09 -6.73 2.39
N PHE A 10 5.67 -7.89 2.81
CA PHE A 10 6.45 -9.08 2.55
C PHE A 10 6.06 -9.61 1.19
N ALA A 11 6.98 -9.45 0.25
CA ALA A 11 6.71 -9.65 -1.15
C ALA A 11 6.94 -11.08 -1.56
N ARG A 12 6.03 -11.63 -2.33
CA ARG A 12 6.29 -12.92 -2.92
C ARG A 12 6.99 -12.71 -4.24
N GLU A 13 8.28 -12.57 -4.08
CA GLU A 13 9.26 -12.48 -5.12
C GLU A 13 9.98 -13.82 -5.19
N PRO A 14 10.92 -13.99 -6.14
CA PRO A 14 11.88 -15.11 -6.20
C PRO A 14 12.51 -15.50 -4.83
N HIS A 15 12.05 -14.85 -3.75
CA HIS A 15 12.62 -14.91 -2.41
C HIS A 15 13.85 -14.06 -2.33
N SER A 16 13.65 -12.84 -2.77
CA SER A 16 14.55 -11.76 -2.51
C SER A 16 14.19 -11.17 -1.15
N LYS A 17 14.84 -10.09 -0.75
CA LYS A 17 14.58 -9.50 0.55
C LYS A 17 13.15 -8.94 0.61
N PRO A 18 12.56 -8.88 1.82
CA PRO A 18 11.22 -8.30 2.03
C PRO A 18 11.12 -6.90 1.45
N ILE A 19 10.00 -6.60 0.81
CA ILE A 19 9.95 -5.43 -0.04
C ILE A 19 9.16 -4.28 0.55
N LYS A 20 9.89 -3.21 0.82
CA LYS A 20 9.29 -1.97 1.22
C LYS A 20 9.46 -0.97 0.08
N PHE A 21 8.36 -0.56 -0.52
CA PHE A 21 8.42 0.31 -1.67
C PHE A 21 7.78 1.64 -1.34
N LEU A 22 8.29 2.68 -1.95
CA LEU A 22 7.67 3.97 -1.85
C LEU A 22 6.72 4.15 -3.01
N VAL A 23 5.44 4.05 -2.72
CA VAL A 23 4.44 4.36 -3.70
C VAL A 23 3.82 5.70 -3.35
N SER A 24 4.02 6.70 -4.17
CA SER A 24 3.33 7.93 -3.93
C SER A 24 2.08 7.99 -4.81
N VAL A 25 0.95 7.72 -4.17
CA VAL A 25 -0.34 7.79 -4.84
C VAL A 25 -1.41 8.13 -3.82
N SER A 26 -2.42 8.82 -4.25
CA SER A 26 -3.63 8.99 -3.47
C SER A 26 -4.73 8.27 -4.18
N LYS A 27 -5.84 8.05 -3.53
CA LYS A 27 -6.93 7.44 -4.21
C LYS A 27 -7.60 8.49 -5.07
N GLU A 28 -7.06 8.73 -6.25
CA GLU A 28 -7.80 9.49 -7.20
C GLU A 28 -7.37 9.20 -8.64
N ASN A 29 -7.77 8.06 -9.20
CA ASN A 29 -8.39 8.05 -10.50
C ASN A 29 -9.82 7.64 -10.28
N SER A 30 -9.93 6.61 -9.43
CA SER A 30 -11.20 6.09 -8.98
C SER A 30 -11.24 5.83 -7.47
N THR A 31 -10.30 4.98 -7.02
CA THR A 31 -10.41 4.31 -5.72
C THR A 31 -9.10 4.34 -4.91
N ALA A 32 -9.22 3.88 -3.65
CA ALA A 32 -8.10 3.79 -2.71
C ALA A 32 -7.19 2.61 -3.07
N SER A 33 -7.76 1.68 -3.79
CA SER A 33 -7.11 0.42 -4.13
C SER A 33 -5.93 0.64 -5.07
N GLU A 34 -6.03 1.68 -5.89
CA GLU A 34 -5.03 1.99 -6.90
C GLU A 34 -3.64 2.17 -6.29
N VAL A 35 -3.60 2.65 -5.06
CA VAL A 35 -2.34 2.84 -4.37
C VAL A 35 -1.70 1.49 -4.04
N LEU A 36 -2.54 0.54 -3.64
CA LEU A 36 -2.10 -0.83 -3.36
C LEU A 36 -1.71 -1.52 -4.67
N ASP A 37 -2.41 -1.17 -5.76
CA ASP A 37 -2.08 -1.65 -7.10
C ASP A 37 -0.64 -1.32 -7.44
N SER A 38 -0.22 -0.11 -7.06
CA SER A 38 1.16 0.31 -7.22
C SER A 38 2.10 -0.65 -6.49
N LEU A 39 1.65 -1.08 -5.34
CA LEU A 39 2.40 -1.89 -4.43
C LEU A 39 2.63 -3.31 -4.95
N SER A 40 1.55 -4.00 -5.22
CA SER A 40 1.64 -5.36 -5.70
C SER A 40 2.30 -5.47 -7.07
N GLN A 41 2.12 -4.47 -7.93
CA GLN A 41 2.76 -4.52 -9.25
C GLN A 41 4.27 -4.40 -9.10
N SER A 42 4.70 -3.64 -8.09
CA SER A 42 6.11 -3.60 -7.71
C SER A 42 6.62 -4.99 -7.30
N VAL A 43 5.67 -5.84 -6.96
CA VAL A 43 5.95 -7.19 -6.52
C VAL A 43 5.85 -8.17 -7.71
N HIS A 44 5.52 -7.62 -8.87
CA HIS A 44 5.32 -8.42 -10.09
C HIS A 44 4.11 -9.33 -9.92
N VAL A 45 3.14 -8.84 -9.17
CA VAL A 45 1.93 -9.59 -8.91
C VAL A 45 0.72 -8.67 -8.97
N LYS A 46 -0.43 -9.24 -9.24
CA LYS A 46 -1.68 -8.52 -9.16
C LYS A 46 -1.88 -8.02 -7.72
N PRO A 47 -2.67 -6.94 -7.58
CA PRO A 47 -2.95 -6.23 -6.30
C PRO A 47 -3.15 -7.14 -5.09
N GLU A 48 -3.54 -8.37 -5.35
CA GLU A 48 -4.00 -9.30 -4.33
C GLU A 48 -2.97 -9.60 -3.23
N ASN A 49 -1.71 -9.24 -3.45
CA ASN A 49 -0.64 -9.77 -2.58
C ASN A 49 -0.48 -8.99 -1.28
N LEU A 50 -0.88 -7.72 -1.25
CA LEU A 50 -0.73 -6.97 -0.03
C LEU A 50 -1.87 -5.99 0.16
N ARG A 51 -2.48 -6.05 1.33
CA ARG A 51 -3.36 -5.00 1.76
C ARG A 51 -3.36 -4.90 3.28
N LEU A 52 -2.82 -3.82 3.80
CA LEU A 52 -3.00 -3.48 5.20
C LEU A 52 -2.81 -2.00 5.38
N ALA A 53 -3.80 -1.21 5.77
CA ALA A 53 -3.52 0.20 5.84
C ALA A 53 -3.47 0.66 7.28
N GLU A 54 -2.32 1.15 7.69
CA GLU A 54 -2.17 1.63 9.04
C GLU A 54 -2.04 3.13 9.06
N VAL A 55 -2.98 3.79 9.69
CA VAL A 55 -3.04 5.23 9.70
C VAL A 55 -2.51 5.77 11.01
N ILE A 56 -1.83 6.88 10.92
CA ILE A 56 -1.03 7.40 11.98
C ILE A 56 -1.81 8.50 12.70
N LYS A 57 -1.12 9.45 13.33
CA LYS A 57 -1.72 10.40 14.31
C LYS A 57 -3.17 10.03 14.72
N ASN A 58 -4.02 11.02 14.92
CA ASN A 58 -5.38 10.82 15.46
C ASN A 58 -6.21 9.79 14.66
N ARG A 59 -5.74 9.41 13.47
CA ARG A 59 -6.41 8.40 12.65
C ARG A 59 -6.53 7.09 13.42
N PHE A 60 -5.37 6.51 13.76
CA PHE A 60 -5.28 5.33 14.61
C PHE A 60 -6.00 4.10 14.00
N HIS A 61 -5.35 3.47 13.03
CA HIS A 61 -5.83 2.21 12.43
C HIS A 61 -4.66 1.44 11.84
N ARG A 62 -4.90 0.23 11.36
CA ARG A 62 -3.83 -0.65 10.92
C ARG A 62 -4.19 -1.43 9.65
N VAL A 63 -5.45 -1.36 9.24
CA VAL A 63 -6.00 -2.26 8.23
C VAL A 63 -6.39 -1.51 6.96
N PHE A 64 -6.30 -2.16 5.80
CA PHE A 64 -6.58 -1.49 4.52
C PHE A 64 -8.05 -1.20 4.37
N LEU A 65 -8.38 0.07 4.40
CA LEU A 65 -9.76 0.50 4.39
C LEU A 65 -10.26 0.70 2.96
N PRO A 66 -11.59 0.62 2.78
CA PRO A 66 -12.27 1.00 1.54
C PRO A 66 -11.89 2.41 1.09
N SER A 67 -12.24 2.76 -0.15
CA SER A 67 -11.91 4.06 -0.75
C SER A 67 -12.01 5.20 0.27
N HIS A 68 -10.85 5.65 0.73
CA HIS A 68 -10.78 6.57 1.86
C HIS A 68 -10.42 7.98 1.42
N SER A 69 -11.20 8.95 1.91
CA SER A 69 -11.06 10.36 1.54
C SER A 69 -9.70 10.93 1.97
N LEU A 70 -8.95 10.12 2.71
CA LEU A 70 -7.64 10.50 3.22
C LEU A 70 -6.58 10.59 2.10
N ASP A 71 -7.02 10.67 0.84
CA ASP A 71 -6.08 10.73 -0.28
C ASP A 71 -5.19 11.97 -0.16
N THR A 72 -5.72 13.02 0.46
CA THR A 72 -4.85 14.08 0.92
C THR A 72 -5.04 14.27 2.43
N VAL A 73 -3.99 13.99 3.17
CA VAL A 73 -3.95 14.17 4.60
C VAL A 73 -2.47 14.29 5.01
N SER A 74 -2.19 14.51 6.30
CA SER A 74 -0.82 14.39 6.81
C SER A 74 -0.14 13.14 6.23
N PRO A 75 0.88 13.34 5.37
CA PRO A 75 1.43 12.29 4.48
C PRO A 75 2.06 11.08 5.18
N SER A 76 2.27 11.15 6.48
CA SER A 76 2.87 10.02 7.21
C SER A 76 1.80 8.97 7.55
N ASP A 77 0.59 9.22 7.06
CA ASP A 77 -0.55 8.33 7.24
C ASP A 77 -0.37 7.03 6.45
N THR A 78 -1.41 6.20 6.49
CA THR A 78 -1.37 4.75 6.26
C THR A 78 -0.26 4.18 5.38
N LEU A 79 0.36 3.17 5.98
CA LEU A 79 1.29 2.27 5.36
C LEU A 79 0.66 0.89 5.29
N LEU A 80 1.06 0.12 4.30
CA LEU A 80 0.60 -1.20 4.17
C LEU A 80 1.71 -2.17 4.42
N CYS A 81 1.39 -3.15 5.24
CA CYS A 81 2.27 -4.28 5.40
C CYS A 81 1.47 -5.59 5.32
N PHE A 82 1.48 -6.22 4.15
CA PHE A 82 0.81 -7.49 4.01
C PHE A 82 1.62 -8.47 3.18
N GLU A 83 1.34 -9.74 3.39
CA GLU A 83 1.96 -10.81 2.62
C GLU A 83 0.90 -11.72 2.00
N LEU A 84 0.94 -11.92 0.69
CA LEU A 84 0.21 -13.03 0.09
C LEU A 84 1.12 -13.81 -0.84
N LEU A 85 0.78 -15.03 -1.15
CA LEU A 85 1.55 -15.77 -2.13
C LEU A 85 0.80 -15.73 -3.44
N SER A 86 1.41 -15.10 -4.43
CA SER A 86 0.87 -15.00 -5.77
C SER A 86 1.96 -14.47 -6.69
N SER A 87 1.69 -14.44 -7.98
CA SER A 87 2.61 -13.87 -8.95
C SER A 87 1.90 -13.70 -10.30
N GLU A 88 2.47 -12.91 -11.17
CA GLU A 88 1.94 -12.76 -12.52
C GLU A 88 2.25 -14.01 -13.33
N LYS A 1 -2.91 13.90 -7.99
CA LYS A 1 -2.12 12.96 -7.18
C LYS A 1 -1.69 13.58 -5.85
N GLN A 2 -2.16 12.96 -4.80
CA GLN A 2 -1.88 13.30 -3.43
C GLN A 2 -0.84 12.36 -2.82
N LYS A 3 -0.53 12.65 -1.58
CA LYS A 3 0.55 12.12 -0.74
C LYS A 3 1.25 10.80 -1.15
N VAL A 4 2.51 10.69 -0.71
CA VAL A 4 3.38 9.56 -1.05
C VAL A 4 3.47 8.56 0.11
N LEU A 5 3.20 7.30 -0.18
CA LEU A 5 3.24 6.26 0.85
C LEU A 5 4.35 5.25 0.64
N PRO A 6 5.40 5.24 1.48
CA PRO A 6 6.26 4.07 1.56
C PRO A 6 5.61 3.00 2.43
N VAL A 7 5.50 1.80 1.92
CA VAL A 7 4.96 0.69 2.69
C VAL A 7 6.04 -0.36 2.97
N PHE A 8 5.90 -1.08 4.07
CA PHE A 8 6.83 -2.16 4.40
C PHE A 8 6.12 -3.48 4.28
N TYR A 9 6.36 -4.18 3.19
CA TYR A 9 5.62 -5.38 2.89
C TYR A 9 6.54 -6.57 2.75
N PHE A 10 6.08 -7.73 3.15
CA PHE A 10 6.91 -8.91 3.01
C PHE A 10 6.66 -9.44 1.62
N ALA A 11 7.68 -9.31 0.80
CA ALA A 11 7.55 -9.45 -0.64
C ALA A 11 7.42 -10.89 -1.04
N ARG A 12 6.46 -11.16 -1.90
CA ARG A 12 6.40 -12.46 -2.54
C ARG A 12 6.91 -12.33 -3.94
N GLU A 13 8.22 -12.38 -4.00
CA GLU A 13 9.01 -12.24 -5.18
C GLU A 13 9.55 -13.60 -5.63
N PRO A 14 10.25 -13.64 -6.78
CA PRO A 14 11.10 -14.76 -7.25
C PRO A 14 11.94 -15.48 -6.16
N HIS A 15 11.70 -15.16 -4.89
CA HIS A 15 12.56 -15.47 -3.74
C HIS A 15 13.72 -14.48 -3.69
N SER A 16 13.30 -13.23 -3.71
CA SER A 16 14.14 -12.12 -3.34
C SER A 16 13.86 -11.77 -1.87
N LYS A 17 14.49 -10.71 -1.37
CA LYS A 17 14.34 -10.32 0.04
C LYS A 17 13.04 -9.55 0.24
N PRO A 18 12.54 -9.46 1.49
CA PRO A 18 11.33 -8.68 1.79
C PRO A 18 11.53 -7.20 1.47
N ILE A 19 10.48 -6.53 1.03
CA ILE A 19 10.64 -5.24 0.38
C ILE A 19 9.68 -4.18 0.87
N LYS A 20 10.23 -3.04 1.24
CA LYS A 20 9.43 -1.86 1.48
C LYS A 20 9.50 -0.95 0.26
N PHE A 21 8.37 -0.65 -0.35
CA PHE A 21 8.36 0.19 -1.53
C PHE A 21 7.71 1.52 -1.23
N LEU A 22 8.30 2.58 -1.72
CA LEU A 22 7.67 3.87 -1.67
C LEU A 22 6.89 4.08 -2.95
N VAL A 23 5.58 3.96 -2.85
CA VAL A 23 4.72 4.28 -3.96
C VAL A 23 3.99 5.57 -3.66
N SER A 24 4.28 6.62 -4.42
CA SER A 24 3.50 7.82 -4.25
C SER A 24 2.18 7.63 -4.94
N VAL A 25 1.14 7.47 -4.14
CA VAL A 25 -0.20 7.36 -4.67
C VAL A 25 -1.16 7.90 -3.63
N SER A 26 -2.22 8.44 -4.14
CA SER A 26 -3.34 8.83 -3.34
C SER A 26 -4.52 8.15 -3.97
N LYS A 27 -5.67 8.19 -3.36
CA LYS A 27 -6.82 7.72 -4.09
C LYS A 27 -7.22 8.78 -5.10
N GLU A 28 -6.61 8.67 -6.27
CA GLU A 28 -7.08 9.37 -7.45
C GLU A 28 -8.54 9.03 -7.70
N ASN A 29 -9.10 9.64 -8.72
CA ASN A 29 -10.55 9.70 -8.88
C ASN A 29 -11.24 8.35 -9.04
N SER A 30 -10.51 7.22 -8.98
CA SER A 30 -11.19 5.95 -9.16
C SER A 30 -11.28 5.14 -7.85
N THR A 31 -10.15 4.78 -7.28
CA THR A 31 -10.17 4.02 -6.04
C THR A 31 -9.05 4.42 -5.08
N ALA A 32 -9.16 3.99 -3.82
CA ALA A 32 -8.05 4.07 -2.87
C ALA A 32 -7.04 2.97 -3.15
N SER A 33 -7.53 1.95 -3.81
CA SER A 33 -6.80 0.71 -4.08
C SER A 33 -5.57 0.96 -4.96
N GLU A 34 -5.63 2.01 -5.76
CA GLU A 34 -4.57 2.34 -6.71
C GLU A 34 -3.21 2.41 -6.01
N VAL A 35 -3.22 2.80 -4.74
CA VAL A 35 -1.99 2.83 -3.96
C VAL A 35 -1.43 1.42 -3.74
N LEU A 36 -2.31 0.49 -3.35
CA LEU A 36 -1.91 -0.89 -3.12
C LEU A 36 -1.58 -1.56 -4.45
N ASP A 37 -2.33 -1.14 -5.47
CA ASP A 37 -2.11 -1.59 -6.83
C ASP A 37 -0.69 -1.29 -7.27
N SER A 38 -0.18 -0.14 -6.85
CA SER A 38 1.20 0.23 -7.09
C SER A 38 2.14 -0.75 -6.38
N LEU A 39 1.74 -1.14 -5.19
CA LEU A 39 2.51 -2.04 -4.36
C LEU A 39 2.62 -3.44 -4.98
N SER A 40 1.48 -4.05 -5.23
CA SER A 40 1.43 -5.35 -5.89
C SER A 40 2.15 -5.35 -7.24
N GLN A 41 1.99 -4.30 -8.03
CA GLN A 41 2.60 -4.26 -9.36
C GLN A 41 4.13 -4.18 -9.25
N SER A 42 4.60 -3.53 -8.19
CA SER A 42 6.03 -3.51 -7.88
C SER A 42 6.54 -4.91 -7.62
N VAL A 43 5.63 -5.77 -7.19
CA VAL A 43 5.93 -7.16 -6.92
C VAL A 43 5.68 -8.01 -8.17
N HIS A 44 5.14 -7.36 -9.21
CA HIS A 44 4.79 -8.01 -10.47
C HIS A 44 3.68 -9.01 -10.26
N VAL A 45 2.83 -8.72 -9.31
CA VAL A 45 1.70 -9.58 -8.98
C VAL A 45 0.43 -8.76 -8.89
N LYS A 46 -0.70 -9.42 -9.09
CA LYS A 46 -1.99 -8.79 -8.90
C LYS A 46 -2.15 -8.31 -7.44
N PRO A 47 -3.00 -7.29 -7.22
CA PRO A 47 -3.16 -6.57 -5.93
C PRO A 47 -3.17 -7.46 -4.68
N GLU A 48 -3.59 -8.70 -4.85
CA GLU A 48 -3.96 -9.57 -3.75
C GLU A 48 -2.83 -9.87 -2.79
N ASN A 49 -1.61 -9.56 -3.17
CA ASN A 49 -0.47 -9.97 -2.35
C ASN A 49 -0.20 -9.01 -1.20
N LEU A 50 -0.65 -7.77 -1.36
CA LEU A 50 -0.49 -6.76 -0.34
C LEU A 50 -1.81 -6.05 -0.09
N ARG A 51 -2.27 -5.98 1.15
CA ARG A 51 -3.28 -4.98 1.51
C ARG A 51 -3.20 -4.65 3.01
N LEU A 52 -2.81 -3.44 3.32
CA LEU A 52 -2.95 -2.91 4.66
C LEU A 52 -2.94 -1.40 4.58
N ALA A 53 -3.76 -0.67 5.30
CA ALA A 53 -3.39 0.70 5.53
C ALA A 53 -3.50 1.01 7.00
N GLU A 54 -2.37 1.34 7.60
CA GLU A 54 -2.30 1.61 9.02
C GLU A 54 -1.82 3.02 9.27
N VAL A 55 -2.43 3.69 10.22
CA VAL A 55 -2.07 5.05 10.50
C VAL A 55 -0.96 5.11 11.55
N ILE A 56 0.03 5.96 11.33
CA ILE A 56 1.10 6.15 12.31
C ILE A 56 1.20 7.63 12.69
N LYS A 57 1.00 7.91 13.97
CA LYS A 57 0.73 9.23 14.50
C LYS A 57 0.12 9.04 15.88
N ASN A 58 -0.69 10.00 16.33
CA ASN A 58 -1.59 9.76 17.46
C ASN A 58 -2.58 8.66 17.08
N ARG A 59 -2.76 8.50 15.77
CA ARG A 59 -3.51 7.38 15.21
C ARG A 59 -2.56 6.19 15.04
N PHE A 60 -2.91 5.06 15.65
CA PHE A 60 -2.00 3.91 15.66
C PHE A 60 -2.58 2.70 14.94
N HIS A 61 -1.88 2.26 13.89
CA HIS A 61 -2.22 1.06 13.13
C HIS A 61 -3.53 1.23 12.38
N ARG A 62 -3.79 0.29 11.46
CA ARG A 62 -5.06 0.21 10.72
C ARG A 62 -4.88 -0.79 9.57
N VAL A 63 -5.91 -0.87 8.73
CA VAL A 63 -6.06 -1.92 7.72
C VAL A 63 -6.43 -1.26 6.41
N PHE A 64 -6.18 -1.89 5.28
CA PHE A 64 -6.56 -1.29 4.02
C PHE A 64 -8.07 -1.31 3.87
N LEU A 65 -8.64 -0.13 4.00
CA LEU A 65 -10.08 0.03 3.90
C LEU A 65 -10.48 0.36 2.48
N PRO A 66 -11.75 0.12 2.12
CA PRO A 66 -12.33 0.54 0.83
C PRO A 66 -12.04 2.02 0.54
N SER A 67 -12.27 2.45 -0.71
CA SER A 67 -11.89 3.79 -1.18
C SER A 67 -12.08 4.85 -0.08
N HIS A 68 -10.94 5.31 0.45
CA HIS A 68 -10.91 6.05 1.71
C HIS A 68 -10.29 7.43 1.54
N SER A 69 -10.73 8.34 2.41
CA SER A 69 -10.37 9.77 2.35
C SER A 69 -8.88 10.01 2.63
N LEU A 70 -8.16 8.95 2.96
CA LEU A 70 -6.77 9.05 3.41
C LEU A 70 -5.80 9.50 2.30
N ASP A 71 -6.33 9.93 1.16
CA ASP A 71 -5.49 10.52 0.12
C ASP A 71 -5.23 11.98 0.46
N THR A 72 -6.01 12.49 1.38
CA THR A 72 -5.91 13.87 1.78
C THR A 72 -4.68 14.02 2.69
N VAL A 73 -4.29 15.26 3.00
CA VAL A 73 -2.96 15.51 3.52
C VAL A 73 -2.76 14.87 4.90
N SER A 74 -2.15 13.71 4.82
CA SER A 74 -1.65 12.94 5.95
C SER A 74 -0.55 12.06 5.36
N PRO A 75 0.54 12.69 4.90
CA PRO A 75 1.52 12.05 4.01
C PRO A 75 2.26 10.91 4.66
N SER A 76 2.50 11.02 5.96
CA SER A 76 3.36 10.08 6.63
C SER A 76 2.60 8.94 7.29
N ASP A 77 1.28 9.05 7.43
CA ASP A 77 0.57 7.97 8.10
C ASP A 77 -0.54 7.35 7.30
N THR A 78 -0.16 6.26 6.68
CA THR A 78 -1.01 5.15 6.28
C THR A 78 -0.10 4.11 5.64
N LEU A 79 0.18 3.03 6.32
CA LEU A 79 1.18 2.10 5.88
C LEU A 79 0.58 0.77 5.52
N LEU A 80 1.15 0.16 4.52
CA LEU A 80 0.74 -1.15 4.15
C LEU A 80 1.82 -2.13 4.52
N CYS A 81 1.42 -3.14 5.27
CA CYS A 81 2.26 -4.26 5.54
C CYS A 81 1.44 -5.52 5.37
N PHE A 82 1.59 -6.18 4.25
CA PHE A 82 1.00 -7.48 4.08
C PHE A 82 1.97 -8.45 3.47
N GLU A 83 1.79 -9.69 3.82
CA GLU A 83 2.44 -10.76 3.11
C GLU A 83 1.39 -11.74 2.59
N LEU A 84 1.29 -11.89 1.28
CA LEU A 84 0.51 -12.97 0.71
C LEU A 84 1.23 -13.53 -0.50
N LEU A 85 1.25 -14.84 -0.63
CA LEU A 85 1.91 -15.47 -1.76
C LEU A 85 0.90 -15.86 -2.82
N SER A 86 1.10 -15.35 -4.01
CA SER A 86 0.31 -15.75 -5.14
C SER A 86 1.12 -15.49 -6.41
N SER A 87 1.29 -16.53 -7.23
CA SER A 87 2.13 -16.43 -8.42
C SER A 87 1.57 -15.44 -9.44
N GLU A 88 2.48 -14.77 -10.14
CA GLU A 88 2.11 -13.77 -11.15
C GLU A 88 1.25 -14.41 -12.24
N LYS A 1 -4.41 13.19 -5.48
CA LYS A 1 -3.80 12.00 -6.13
C LYS A 1 -2.37 11.77 -5.64
N GLN A 2 -1.79 12.77 -4.94
CA GLN A 2 -0.42 12.64 -4.48
C GLN A 2 -0.31 12.57 -2.96
N LYS A 3 0.15 11.41 -2.49
CA LYS A 3 0.61 11.22 -1.12
C LYS A 3 1.61 10.07 -1.11
N VAL A 4 2.88 10.38 -0.85
CA VAL A 4 3.94 9.40 -1.04
C VAL A 4 4.21 8.60 0.23
N LEU A 5 3.77 7.35 0.20
CA LEU A 5 3.97 6.42 1.30
C LEU A 5 4.81 5.21 0.87
N PRO A 6 5.95 4.94 1.53
CA PRO A 6 6.62 3.66 1.36
C PRO A 6 5.96 2.58 2.22
N VAL A 7 5.69 1.42 1.63
CA VAL A 7 5.15 0.28 2.39
C VAL A 7 6.19 -0.84 2.55
N PHE A 8 6.11 -1.61 3.63
CA PHE A 8 7.02 -2.75 3.81
C PHE A 8 6.24 -4.05 3.73
N TYR A 9 6.73 -4.95 2.93
CA TYR A 9 6.05 -6.19 2.65
C TYR A 9 6.94 -7.39 2.90
N PHE A 10 6.36 -8.45 3.46
CA PHE A 10 7.09 -9.68 3.68
C PHE A 10 6.94 -10.51 2.45
N ALA A 11 8.03 -10.61 1.70
CA ALA A 11 7.96 -10.94 0.30
C ALA A 11 7.92 -12.42 0.03
N ARG A 12 6.99 -12.80 -0.84
CA ARG A 12 7.02 -14.13 -1.40
C ARG A 12 7.62 -13.99 -2.80
N GLU A 13 8.93 -13.88 -2.77
CA GLU A 13 9.78 -13.72 -3.93
C GLU A 13 10.56 -14.99 -4.21
N PRO A 14 11.30 -15.01 -5.33
CA PRO A 14 12.43 -15.93 -5.58
C PRO A 14 13.38 -16.14 -4.38
N HIS A 15 13.02 -15.57 -3.21
CA HIS A 15 13.87 -15.44 -2.03
C HIS A 15 14.84 -14.29 -2.20
N SER A 16 14.25 -13.16 -2.54
CA SER A 16 14.89 -11.89 -2.39
C SER A 16 14.61 -11.34 -1.00
N LYS A 17 15.17 -10.18 -0.70
CA LYS A 17 15.00 -9.56 0.61
C LYS A 17 13.56 -9.04 0.77
N PRO A 18 13.13 -8.78 2.03
CA PRO A 18 11.80 -8.21 2.29
C PRO A 18 11.59 -6.94 1.48
N ILE A 19 10.40 -6.79 0.92
CA ILE A 19 10.17 -5.79 -0.10
C ILE A 19 9.39 -4.60 0.42
N LYS A 20 10.03 -3.46 0.40
CA LYS A 20 9.41 -2.21 0.76
C LYS A 20 9.43 -1.29 -0.45
N PHE A 21 8.26 -0.93 -0.96
CA PHE A 21 8.21 -0.02 -2.09
C PHE A 21 7.57 1.28 -1.71
N LEU A 22 8.21 2.35 -2.14
CA LEU A 22 7.70 3.68 -1.94
C LEU A 22 6.88 4.07 -3.14
N VAL A 23 5.57 4.15 -2.96
CA VAL A 23 4.70 4.60 -4.02
C VAL A 23 4.01 5.90 -3.61
N SER A 24 3.99 6.88 -4.49
CA SER A 24 3.18 8.05 -4.22
C SER A 24 1.87 7.94 -4.98
N VAL A 25 0.80 7.66 -4.25
CA VAL A 25 -0.52 7.53 -4.82
C VAL A 25 -1.57 7.90 -3.81
N SER A 26 -2.69 8.37 -4.30
CA SER A 26 -3.86 8.57 -3.49
C SER A 26 -5.04 8.02 -4.25
N LYS A 27 -6.05 7.56 -3.53
CA LYS A 27 -7.26 7.12 -4.17
C LYS A 27 -7.93 8.29 -4.86
N GLU A 28 -7.95 8.25 -6.17
CA GLU A 28 -8.77 9.16 -6.93
C GLU A 28 -10.22 8.87 -6.60
N ASN A 29 -11.14 9.61 -7.17
CA ASN A 29 -12.55 9.43 -6.87
C ASN A 29 -13.05 8.05 -7.33
N SER A 30 -12.15 7.21 -7.86
CA SER A 30 -12.57 5.96 -8.45
C SER A 30 -12.41 4.77 -7.50
N THR A 31 -11.18 4.48 -7.08
CA THR A 31 -10.95 3.45 -6.08
C THR A 31 -9.85 3.84 -5.09
N ALA A 32 -9.84 3.19 -3.92
CA ALA A 32 -8.74 3.28 -2.97
C ALA A 32 -7.60 2.41 -3.45
N SER A 33 -7.95 1.48 -4.30
CA SER A 33 -7.09 0.41 -4.77
C SER A 33 -5.86 0.95 -5.50
N GLU A 34 -6.00 2.11 -6.13
CA GLU A 34 -4.96 2.66 -6.97
C GLU A 34 -3.63 2.79 -6.22
N VAL A 35 -3.70 3.02 -4.91
CA VAL A 35 -2.49 3.09 -4.10
C VAL A 35 -1.85 1.71 -3.95
N LEU A 36 -2.66 0.72 -3.62
CA LEU A 36 -2.18 -0.65 -3.44
C LEU A 36 -1.79 -1.23 -4.80
N ASP A 37 -2.52 -0.81 -5.83
CA ASP A 37 -2.26 -1.20 -7.20
C ASP A 37 -0.84 -0.83 -7.59
N SER A 38 -0.38 0.31 -7.10
CA SER A 38 0.99 0.75 -7.30
C SER A 38 1.97 -0.23 -6.65
N LEU A 39 1.60 -0.71 -5.48
CA LEU A 39 2.47 -1.56 -4.70
C LEU A 39 2.51 -2.98 -5.23
N SER A 40 1.34 -3.57 -5.44
CA SER A 40 1.26 -4.89 -6.04
C SER A 40 2.12 -5.01 -7.30
N GLN A 41 2.01 -4.05 -8.20
CA GLN A 41 2.77 -4.11 -9.44
C GLN A 41 4.27 -3.98 -9.15
N SER A 42 4.58 -3.14 -8.18
CA SER A 42 5.92 -3.01 -7.64
C SER A 42 6.43 -4.34 -7.10
N VAL A 43 5.50 -5.16 -6.65
CA VAL A 43 5.80 -6.39 -5.95
C VAL A 43 5.84 -7.60 -6.91
N HIS A 44 5.67 -7.32 -8.20
CA HIS A 44 5.68 -8.35 -9.23
C HIS A 44 4.49 -9.28 -9.07
N VAL A 45 3.39 -8.71 -8.61
CA VAL A 45 2.17 -9.46 -8.37
C VAL A 45 0.96 -8.63 -8.80
N LYS A 46 -0.13 -9.30 -9.10
CA LYS A 46 -1.39 -8.62 -9.34
C LYS A 46 -1.82 -7.85 -8.08
N PRO A 47 -2.71 -6.85 -8.19
CA PRO A 47 -3.15 -6.01 -7.06
C PRO A 47 -3.42 -6.79 -5.76
N GLU A 48 -3.81 -8.03 -5.93
CA GLU A 48 -4.41 -8.84 -4.88
C GLU A 48 -3.55 -9.06 -3.64
N ASN A 49 -2.29 -8.71 -3.69
CA ASN A 49 -1.37 -9.17 -2.66
C ASN A 49 -1.43 -8.37 -1.39
N LEU A 50 -1.85 -7.13 -1.47
CA LEU A 50 -1.71 -6.26 -0.32
C LEU A 50 -3.03 -5.76 0.24
N ARG A 51 -3.19 -5.85 1.55
CA ARG A 51 -4.05 -4.93 2.27
C ARG A 51 -3.57 -4.79 3.72
N LEU A 52 -3.00 -3.66 4.10
CA LEU A 52 -3.06 -3.20 5.48
C LEU A 52 -2.76 -1.72 5.57
N ALA A 53 -3.67 -0.81 5.86
CA ALA A 53 -3.18 0.54 5.93
C ALA A 53 -3.28 1.07 7.34
N GLU A 54 -2.14 1.38 7.92
CA GLU A 54 -2.10 1.95 9.23
C GLU A 54 -1.66 3.38 9.13
N VAL A 55 -2.26 4.24 9.93
CA VAL A 55 -2.03 5.68 9.82
C VAL A 55 -1.49 6.25 11.13
N ILE A 56 -0.66 7.27 11.07
CA ILE A 56 -0.16 7.92 12.29
C ILE A 56 -0.86 9.26 12.47
N LYS A 57 -0.18 10.30 13.00
CA LYS A 57 -0.84 11.41 13.70
C LYS A 57 -2.31 11.09 14.06
N ASN A 58 -3.22 12.05 13.93
CA ASN A 58 -4.60 11.89 14.41
C ASN A 58 -5.29 10.60 13.92
N ARG A 59 -4.72 9.92 12.94
CA ARG A 59 -5.28 8.67 12.44
C ARG A 59 -4.48 7.45 12.92
N PHE A 60 -3.94 7.51 14.14
CA PHE A 60 -3.02 6.47 14.65
C PHE A 60 -3.52 5.03 14.48
N HIS A 61 -2.62 4.18 13.94
CA HIS A 61 -2.88 2.77 13.60
C HIS A 61 -3.96 2.65 12.52
N ARG A 62 -4.07 1.46 11.90
CA ARG A 62 -5.24 1.07 11.08
C ARG A 62 -4.95 -0.09 10.11
N VAL A 63 -5.91 -0.28 9.19
CA VAL A 63 -6.02 -1.42 8.29
C VAL A 63 -6.38 -0.88 6.90
N PHE A 64 -6.17 -1.64 5.84
CA PHE A 64 -6.51 -1.13 4.52
C PHE A 64 -8.02 -1.07 4.36
N LEU A 65 -8.55 0.15 4.32
CA LEU A 65 -9.97 0.35 4.22
C LEU A 65 -10.41 0.45 2.75
N PRO A 66 -11.70 0.15 2.48
CA PRO A 66 -12.33 0.44 1.17
C PRO A 66 -12.22 1.92 0.79
N SER A 67 -12.51 2.24 -0.47
CA SER A 67 -12.37 3.59 -1.02
C SER A 67 -12.79 4.68 -0.03
N HIS A 68 -11.80 5.36 0.55
CA HIS A 68 -12.04 6.32 1.63
C HIS A 68 -11.21 7.58 1.47
N SER A 69 -11.64 8.63 2.15
CA SER A 69 -11.12 10.00 2.04
C SER A 69 -9.62 10.16 2.36
N LEU A 70 -8.94 9.08 2.73
CA LEU A 70 -7.58 9.13 3.28
C LEU A 70 -6.50 9.59 2.25
N ASP A 71 -6.93 10.10 1.09
CA ASP A 71 -5.99 10.56 0.07
C ASP A 71 -5.47 11.97 0.35
N THR A 72 -5.43 12.35 1.61
CA THR A 72 -4.99 13.68 1.98
C THR A 72 -3.47 13.76 1.91
N VAL A 73 -2.96 14.96 1.64
CA VAL A 73 -1.54 15.14 1.39
C VAL A 73 -0.75 14.96 2.66
N SER A 74 -0.20 13.77 2.83
CA SER A 74 0.55 13.41 4.01
C SER A 74 1.51 12.28 3.67
N PRO A 75 2.76 12.63 3.32
CA PRO A 75 3.81 11.66 3.00
C PRO A 75 4.26 10.87 4.23
N SER A 76 3.84 11.30 5.40
CA SER A 76 4.34 10.73 6.63
C SER A 76 3.40 9.67 7.22
N ASP A 77 2.23 9.46 6.59
CA ASP A 77 1.29 8.43 7.07
C ASP A 77 1.96 7.07 7.08
N THR A 78 1.30 6.15 7.74
CA THR A 78 1.87 4.86 8.00
C THR A 78 1.56 3.82 6.91
N LEU A 79 2.22 2.71 7.07
CA LEU A 79 2.49 1.71 6.06
C LEU A 79 1.39 0.69 5.87
N LEU A 80 1.44 0.02 4.73
CA LEU A 80 0.82 -1.26 4.63
C LEU A 80 1.88 -2.30 4.64
N CYS A 81 1.51 -3.38 5.25
CA CYS A 81 2.35 -4.55 5.25
C CYS A 81 1.50 -5.75 4.93
N PHE A 82 1.68 -6.26 3.75
CA PHE A 82 0.95 -7.38 3.30
C PHE A 82 1.85 -8.55 3.13
N GLU A 83 1.26 -9.67 3.35
CA GLU A 83 1.73 -10.89 2.78
C GLU A 83 0.57 -11.57 2.07
N LEU A 84 0.63 -11.68 0.77
CA LEU A 84 -0.21 -12.62 0.05
C LEU A 84 0.69 -13.40 -0.89
N LEU A 85 0.38 -14.67 -1.14
CA LEU A 85 1.20 -15.42 -2.05
C LEU A 85 0.56 -15.42 -3.41
N SER A 86 1.25 -14.79 -4.34
CA SER A 86 0.89 -14.79 -5.74
C SER A 86 2.07 -14.28 -6.54
N SER A 87 1.97 -14.34 -7.85
CA SER A 87 3.00 -13.79 -8.73
C SER A 87 2.38 -13.34 -10.03
N GLU A 88 3.07 -12.46 -10.74
CA GLU A 88 2.58 -12.02 -12.03
C GLU A 88 3.06 -12.96 -13.12
N LYS A 1 -4.14 13.47 -5.44
CA LYS A 1 -3.59 12.24 -6.04
C LYS A 1 -2.21 11.94 -5.47
N GLN A 2 -1.60 12.92 -4.79
CA GLN A 2 -0.23 12.77 -4.32
C GLN A 2 -0.15 12.69 -2.79
N LYS A 3 0.27 11.54 -2.32
CA LYS A 3 0.66 11.34 -0.94
C LYS A 3 1.62 10.15 -0.87
N VAL A 4 2.86 10.40 -0.48
CA VAL A 4 3.90 9.39 -0.57
C VAL A 4 3.87 8.43 0.61
N LEU A 5 3.44 7.19 0.35
CA LEU A 5 3.45 6.15 1.36
C LEU A 5 4.43 5.05 0.99
N PRO A 6 5.55 4.91 1.69
CA PRO A 6 6.34 3.70 1.59
C PRO A 6 5.74 2.61 2.46
N VAL A 7 5.55 1.43 1.90
CA VAL A 7 5.08 0.28 2.67
C VAL A 7 6.18 -0.75 2.86
N PHE A 8 6.19 -1.49 3.96
CA PHE A 8 7.19 -2.56 4.10
C PHE A 8 6.60 -3.87 4.58
N TYR A 9 6.30 -4.77 3.67
CA TYR A 9 5.89 -6.10 4.05
C TYR A 9 6.53 -7.19 3.21
N PHE A 10 6.59 -8.36 3.80
CA PHE A 10 7.42 -9.43 3.30
C PHE A 10 6.74 -10.15 2.14
N ALA A 11 7.39 -10.04 0.99
CA ALA A 11 6.84 -10.48 -0.28
C ALA A 11 7.31 -11.87 -0.64
N ARG A 12 6.43 -12.62 -1.28
CA ARG A 12 6.84 -13.88 -1.86
C ARG A 12 7.01 -13.72 -3.36
N GLU A 13 8.19 -13.28 -3.67
CA GLU A 13 8.74 -13.14 -5.00
C GLU A 13 9.66 -14.31 -5.26
N PRO A 14 10.29 -14.39 -6.45
CA PRO A 14 11.45 -15.27 -6.74
C PRO A 14 12.50 -15.40 -5.60
N HIS A 15 12.20 -14.78 -4.46
CA HIS A 15 13.09 -14.64 -3.31
C HIS A 15 14.10 -13.55 -3.54
N SER A 16 13.54 -12.41 -3.89
CA SER A 16 14.22 -11.14 -3.79
C SER A 16 14.11 -10.68 -2.34
N LYS A 17 14.61 -9.50 -2.04
CA LYS A 17 14.51 -8.99 -0.67
C LYS A 17 13.04 -8.74 -0.30
N PRO A 18 12.69 -8.82 1.00
CA PRO A 18 11.33 -8.49 1.47
C PRO A 18 10.95 -7.11 1.00
N ILE A 19 9.69 -6.90 0.63
CA ILE A 19 9.39 -5.73 -0.17
C ILE A 19 8.90 -4.56 0.65
N LYS A 20 9.71 -3.54 0.62
CA LYS A 20 9.31 -2.23 1.01
C LYS A 20 9.39 -1.33 -0.21
N PHE A 21 8.26 -0.82 -0.64
CA PHE A 21 8.24 0.03 -1.81
C PHE A 21 7.62 1.36 -1.48
N LEU A 22 8.21 2.40 -1.99
CA LEU A 22 7.66 3.73 -1.83
C LEU A 22 6.78 4.02 -3.02
N VAL A 23 5.49 4.00 -2.81
CA VAL A 23 4.57 4.33 -3.87
C VAL A 23 3.88 5.65 -3.60
N SER A 24 3.85 6.54 -4.58
CA SER A 24 3.10 7.76 -4.41
C SER A 24 1.78 7.64 -5.14
N VAL A 25 0.72 7.46 -4.35
CA VAL A 25 -0.63 7.36 -4.86
C VAL A 25 -1.58 7.83 -3.78
N SER A 26 -2.85 7.96 -4.12
CA SER A 26 -3.87 8.19 -3.11
C SER A 26 -5.16 7.59 -3.60
N LYS A 27 -6.05 7.28 -2.66
CA LYS A 27 -7.35 6.81 -3.04
C LYS A 27 -8.17 7.97 -3.56
N GLU A 28 -8.00 8.20 -4.85
CA GLU A 28 -8.78 9.17 -5.59
C GLU A 28 -10.24 8.77 -5.59
N ASN A 29 -11.04 9.60 -6.21
CA ASN A 29 -12.48 9.38 -6.29
C ASN A 29 -12.85 8.07 -6.98
N SER A 30 -11.86 7.25 -7.37
CA SER A 30 -12.21 6.00 -8.04
C SER A 30 -12.08 4.80 -7.11
N THR A 31 -10.87 4.54 -6.63
CA THR A 31 -10.68 3.46 -5.68
C THR A 31 -9.63 3.79 -4.63
N ALA A 32 -9.67 3.04 -3.53
CA ALA A 32 -8.58 2.99 -2.58
C ALA A 32 -7.45 2.12 -3.11
N SER A 33 -7.81 1.25 -4.04
CA SER A 33 -6.97 0.18 -4.53
C SER A 33 -5.72 0.71 -5.24
N GLU A 34 -5.82 1.90 -5.83
CA GLU A 34 -4.75 2.44 -6.66
C GLU A 34 -3.43 2.47 -5.91
N VAL A 35 -3.48 2.68 -4.61
CA VAL A 35 -2.28 2.70 -3.82
C VAL A 35 -1.69 1.29 -3.71
N LEU A 36 -2.53 0.32 -3.39
CA LEU A 36 -2.10 -1.08 -3.25
C LEU A 36 -1.70 -1.65 -4.63
N ASP A 37 -2.40 -1.19 -5.67
CA ASP A 37 -2.07 -1.55 -7.04
C ASP A 37 -0.63 -1.20 -7.34
N SER A 38 -0.18 -0.09 -6.78
CA SER A 38 1.18 0.35 -6.95
C SER A 38 2.18 -0.64 -6.34
N LEU A 39 1.87 -1.17 -5.15
CA LEU A 39 2.78 -2.10 -4.48
C LEU A 39 2.90 -3.40 -5.26
N SER A 40 1.75 -3.98 -5.56
CA SER A 40 1.70 -5.27 -6.22
C SER A 40 2.47 -5.29 -7.55
N GLN A 41 2.29 -4.27 -8.36
CA GLN A 41 2.94 -4.21 -9.67
C GLN A 41 4.44 -4.05 -9.50
N SER A 42 4.84 -3.36 -8.44
CA SER A 42 6.24 -3.26 -8.07
C SER A 42 6.82 -4.64 -7.76
N VAL A 43 5.96 -5.52 -7.29
CA VAL A 43 6.32 -6.87 -6.91
C VAL A 43 6.08 -7.84 -8.09
N HIS A 44 5.56 -7.28 -9.18
CA HIS A 44 5.36 -8.01 -10.44
C HIS A 44 4.32 -9.12 -10.25
N VAL A 45 3.43 -8.87 -9.33
CA VAL A 45 2.33 -9.75 -9.02
C VAL A 45 1.01 -9.00 -9.08
N LYS A 46 -0.08 -9.72 -9.26
CA LYS A 46 -1.40 -9.11 -9.21
C LYS A 46 -1.64 -8.45 -7.85
N PRO A 47 -2.45 -7.37 -7.86
CA PRO A 47 -2.74 -6.50 -6.69
C PRO A 47 -2.94 -7.23 -5.37
N GLU A 48 -3.40 -8.47 -5.45
CA GLU A 48 -3.88 -9.23 -4.32
C GLU A 48 -2.85 -9.43 -3.21
N ASN A 49 -1.61 -9.12 -3.48
CA ASN A 49 -0.54 -9.51 -2.56
C ASN A 49 -0.36 -8.56 -1.38
N LEU A 50 -0.79 -7.32 -1.47
CA LEU A 50 -0.71 -6.48 -0.29
C LEU A 50 -1.98 -5.65 -0.10
N ARG A 51 -2.54 -5.71 1.10
CA ARG A 51 -3.42 -4.64 1.56
C ARG A 51 -3.38 -4.57 3.09
N LEU A 52 -2.84 -3.49 3.63
CA LEU A 52 -3.03 -3.17 5.03
C LEU A 52 -2.89 -1.69 5.24
N ALA A 53 -3.84 -0.98 5.75
CA ALA A 53 -3.54 0.39 6.06
C ALA A 53 -3.23 0.52 7.52
N GLU A 54 -2.35 1.43 7.83
CA GLU A 54 -2.25 1.97 9.15
C GLU A 54 -1.88 3.42 9.04
N VAL A 55 -2.73 4.27 9.57
CA VAL A 55 -2.46 5.69 9.49
C VAL A 55 -1.63 6.11 10.69
N ILE A 56 -0.69 7.00 10.48
CA ILE A 56 0.18 7.42 11.56
C ILE A 56 -0.25 8.83 11.98
N LYS A 57 0.65 9.68 12.44
CA LYS A 57 0.33 10.79 13.36
C LYS A 57 -1.11 10.72 13.95
N ASN A 58 -1.75 11.87 14.16
CA ASN A 58 -3.02 11.93 14.92
C ASN A 58 -4.12 11.00 14.35
N ARG A 59 -3.91 10.50 13.13
CA ARG A 59 -4.84 9.55 12.51
C ARG A 59 -5.01 8.30 13.39
N PHE A 60 -3.91 7.88 14.02
CA PHE A 60 -3.91 6.76 14.98
C PHE A 60 -4.26 5.42 14.31
N HIS A 61 -3.22 4.78 13.76
CA HIS A 61 -3.28 3.43 13.19
C HIS A 61 -4.47 3.26 12.23
N ARG A 62 -4.86 1.99 12.01
CA ARG A 62 -6.09 1.60 11.31
C ARG A 62 -5.86 1.13 9.87
N VAL A 63 -6.70 0.15 9.53
CA VAL A 63 -6.57 -0.84 8.45
C VAL A 63 -7.04 -0.32 7.10
N PHE A 64 -6.70 -1.07 6.04
CA PHE A 64 -6.92 -0.59 4.69
C PHE A 64 -8.42 -0.53 4.40
N LEU A 65 -8.93 0.68 4.41
CA LEU A 65 -10.32 0.94 4.14
C LEU A 65 -10.56 1.29 2.67
N PRO A 66 -11.81 1.08 2.19
CA PRO A 66 -12.27 1.53 0.86
C PRO A 66 -11.95 3.01 0.60
N SER A 67 -12.13 3.45 -0.66
CA SER A 67 -11.90 4.86 -1.05
C SER A 67 -12.41 5.81 0.03
N HIS A 68 -11.51 6.62 0.55
CA HIS A 68 -11.77 7.40 1.75
C HIS A 68 -10.97 8.70 1.75
N SER A 69 -11.28 9.55 2.71
CA SER A 69 -10.75 10.91 2.79
C SER A 69 -9.25 10.93 3.12
N LEU A 70 -8.68 9.76 3.38
CA LEU A 70 -7.26 9.64 3.76
C LEU A 70 -6.32 9.96 2.59
N ASP A 71 -6.85 10.50 1.49
CA ASP A 71 -6.02 10.83 0.34
C ASP A 71 -5.26 12.15 0.56
N THR A 72 -5.09 12.52 1.81
CA THR A 72 -4.43 13.76 2.17
C THR A 72 -2.90 13.63 2.05
N VAL A 73 -2.24 14.75 1.82
CA VAL A 73 -0.81 14.76 1.57
C VAL A 73 -0.04 14.57 2.86
N SER A 74 0.39 13.33 3.09
CA SER A 74 1.16 12.98 4.26
C SER A 74 2.06 11.79 3.96
N PRO A 75 3.39 11.97 4.05
CA PRO A 75 4.37 10.90 3.77
C PRO A 75 4.32 9.79 4.82
N SER A 76 3.79 10.11 5.98
CA SER A 76 3.69 9.15 7.08
C SER A 76 2.29 8.57 7.17
N ASP A 77 1.45 8.90 6.21
CA ASP A 77 0.07 8.42 6.16
C ASP A 77 0.04 6.93 5.81
N THR A 78 -1.15 6.31 5.87
CA THR A 78 -1.31 4.85 5.95
C THR A 78 -0.22 4.02 5.27
N LEU A 79 0.49 3.27 6.09
CA LEU A 79 1.46 2.30 5.65
C LEU A 79 0.78 0.96 5.50
N LEU A 80 1.24 0.13 4.58
CA LEU A 80 0.72 -1.20 4.51
C LEU A 80 1.74 -2.19 4.92
N CYS A 81 1.22 -3.18 5.59
CA CYS A 81 1.96 -4.37 5.78
C CYS A 81 1.05 -5.57 5.53
N PHE A 82 1.13 -6.15 4.34
CA PHE A 82 0.50 -7.43 4.13
C PHE A 82 1.43 -8.34 3.39
N GLU A 83 1.24 -9.62 3.59
CA GLU A 83 2.20 -10.56 3.08
C GLU A 83 1.72 -11.14 1.76
N LEU A 84 2.49 -10.78 0.76
CA LEU A 84 2.27 -11.18 -0.59
C LEU A 84 2.55 -12.65 -0.81
N LEU A 85 1.52 -13.50 -0.83
CA LEU A 85 1.74 -14.80 -1.38
C LEU A 85 1.06 -14.85 -2.74
N SER A 86 1.87 -14.76 -3.76
CA SER A 86 1.51 -15.08 -5.11
C SER A 86 2.75 -14.84 -5.94
N SER A 87 3.19 -15.79 -6.74
CA SER A 87 4.38 -15.54 -7.53
C SER A 87 4.00 -15.02 -8.91
N GLU A 88 4.24 -13.72 -9.15
CA GLU A 88 4.13 -13.15 -10.48
C GLU A 88 2.70 -13.25 -11.02
#